data_3RCE
#
_entry.id   3RCE
#
_cell.length_a   85.060
_cell.length_b   116.100
_cell.length_c   175.040
_cell.angle_alpha   90.00
_cell.angle_beta   90.00
_cell.angle_gamma   90.00
#
_symmetry.space_group_name_H-M   'P 21 21 21'
#
loop_
_entity.id
_entity.type
_entity.pdbx_description
1 polymer 'Oligosaccharide transferase to N-glycosylate proteins'
2 polymer 'Substrate Mimic Peptide'
3 non-polymer 'MAGNESIUM ION'
4 water water
#
loop_
_entity_poly.entity_id
_entity_poly.type
_entity_poly.pdbx_seq_one_letter_code
_entity_poly.pdbx_strand_id
1 'polypeptide(L)'
;MELQQNFTDNNSIKYTCILILIAFAFSVLCRLYWVAWASEFYEFFFNDQLMITTNDGYAFAEGARDMIAGFHQPNDLSYF
GSSLSTLTYWLYSILPFSFESIILYMSTFFASLIVVPIILIAREYKLTTYGFIAALLGSIANSYYNRTMSGYYDTDMLVL
VLPMLILLTFIRLTINKDIFTLLLSPIFIMIYLWWYPSSYSLNFAMIGLFGLYTLVFHRKEKIFYLAIALMIIALSMLAW
QYKLALIVLLFAIFAFKEEKINFYMIWALIFISISILHLSGGLDPVLYQLKFYVFKASDVQNLKDAAFMYFNVNETIMEV
NTIDPEVFMQRISSSVLVFILSFIGFILLCKDHKSMLLALPMLALGFMALRAGLRFTIYAVPVMALGFGYFLYAFFNFLE
KKQIKLSLRNKNILLILIAFFSISPALMHIYYYKSSTVFTSYEASILNDLKNKAQREDYVVAWWDYGYPIRYYSDVKTLI
DGGKHLGKDNFFSSFVLSKEQIPAANMARLSVEYTEKSFKENYPDVLKAMVKDYNQTSAKDFLESLNDKNFKFDTNKTRD
VYIYMPYRMLRIMPVVAQFANTNPDNGEQEKSLFFSQANAIAQDKTTGSVMLDNGVEIINDFRALKVEGASIPLKAFVDI
ESITNGKFYYNEIDSKAQIYLLFLREYKSFVILDESLYNSAYIQMFLLNQYDQDLFEQVTNDTRAKIYRLKREFHHHHHH
HHHH
;
A
2 'polypeptide(L)' GDQNAT(PPN)G B
#
loop_
_chem_comp.id
_chem_comp.type
_chem_comp.name
_chem_comp.formula
MG non-polymer 'MAGNESIUM ION' 'Mg 2'
#
# COMPACT_ATOMS: atom_id res chain seq x y z
N GLU A 2 -32.90 -26.54 -15.70
CA GLU A 2 -32.05 -25.35 -15.62
C GLU A 2 -32.41 -24.46 -14.44
N LEU A 3 -33.67 -24.03 -14.36
CA LEU A 3 -34.05 -23.03 -13.38
C LEU A 3 -35.06 -23.47 -12.33
N GLN A 4 -35.63 -24.66 -12.49
CA GLN A 4 -36.64 -25.15 -11.56
C GLN A 4 -36.04 -26.03 -10.46
N GLN A 5 -34.72 -26.20 -10.48
CA GLN A 5 -34.01 -27.06 -9.52
C GLN A 5 -33.75 -26.37 -8.17
N ASN A 6 -33.65 -27.16 -7.11
CA ASN A 6 -33.34 -26.61 -5.79
C ASN A 6 -31.83 -26.41 -5.55
N PHE A 7 -31.41 -25.16 -5.48
CA PHE A 7 -29.99 -24.91 -5.35
C PHE A 7 -29.63 -24.60 -3.92
N THR A 8 -30.60 -24.09 -3.17
CA THR A 8 -30.31 -23.73 -1.80
C THR A 8 -29.78 -24.95 -1.03
N ASP A 9 -30.57 -26.01 -0.98
CA ASP A 9 -30.29 -27.18 -0.13
C ASP A 9 -29.17 -28.09 -0.63
N ASN A 10 -28.59 -27.73 -1.77
CA ASN A 10 -27.46 -28.50 -2.29
C ASN A 10 -26.17 -28.04 -1.64
N ASN A 11 -25.44 -28.96 -1.03
CA ASN A 11 -24.14 -28.67 -0.41
C ASN A 11 -23.09 -29.70 -0.81
N SER A 12 -23.17 -30.17 -2.04
CA SER A 12 -22.33 -31.28 -2.51
C SER A 12 -20.94 -30.86 -2.92
N ILE A 13 -20.01 -31.81 -2.84
CA ILE A 13 -18.66 -31.62 -3.34
C ILE A 13 -18.67 -30.95 -4.71
N LYS A 14 -19.26 -31.65 -5.69
CA LYS A 14 -19.28 -31.21 -7.08
C LYS A 14 -19.85 -29.80 -7.18
N TYR A 15 -20.98 -29.59 -6.52
CA TYR A 15 -21.66 -28.31 -6.56
C TYR A 15 -20.77 -27.22 -5.99
N THR A 16 -20.35 -27.41 -4.75
CA THR A 16 -19.46 -26.48 -4.11
C THR A 16 -18.26 -26.12 -5.01
N CYS A 17 -17.67 -27.11 -5.69
CA CYS A 17 -16.51 -26.85 -6.55
C CYS A 17 -16.83 -26.16 -7.89
N ILE A 18 -18.03 -26.37 -8.40
CA ILE A 18 -18.47 -25.65 -9.59
C ILE A 18 -18.74 -24.19 -9.21
N LEU A 19 -19.27 -23.97 -8.02
CA LEU A 19 -19.53 -22.62 -7.56
C LEU A 19 -18.22 -21.88 -7.20
N ILE A 20 -17.23 -22.62 -6.70
CA ILE A 20 -15.88 -22.11 -6.47
C ILE A 20 -15.22 -21.75 -7.79
N LEU A 21 -15.39 -22.63 -8.78
CA LEU A 21 -14.88 -22.37 -10.13
C LEU A 21 -15.49 -21.12 -10.76
N ILE A 22 -16.82 -21.04 -10.80
CA ILE A 22 -17.49 -19.87 -11.34
C ILE A 22 -17.08 -18.61 -10.59
N ALA A 23 -17.16 -18.67 -9.27
CA ALA A 23 -16.84 -17.51 -8.44
C ALA A 23 -15.45 -17.01 -8.76
N PHE A 24 -14.49 -17.91 -8.69
CA PHE A 24 -13.10 -17.57 -8.96
C PHE A 24 -12.86 -17.00 -10.38
N ALA A 25 -13.42 -17.67 -11.38
CA ALA A 25 -13.26 -17.27 -12.78
C ALA A 25 -13.81 -15.88 -13.00
N PHE A 26 -14.97 -15.62 -12.39
CA PHE A 26 -15.61 -14.32 -12.38
C PHE A 26 -14.74 -13.23 -11.72
N SER A 27 -14.39 -13.45 -10.46
CA SER A 27 -13.43 -12.57 -9.78
C SER A 27 -12.16 -12.33 -10.60
N VAL A 28 -11.78 -13.24 -11.48
CA VAL A 28 -10.61 -12.95 -12.32
C VAL A 28 -10.96 -12.12 -13.55
N LEU A 29 -12.05 -12.48 -14.22
CA LEU A 29 -12.55 -11.70 -15.36
C LEU A 29 -12.69 -10.26 -14.97
N CYS A 30 -13.18 -9.98 -13.77
CA CYS A 30 -13.33 -8.58 -13.38
C CYS A 30 -12.03 -7.78 -13.17
N ARG A 31 -11.00 -8.41 -12.56
CA ARG A 31 -9.74 -7.71 -12.30
C ARG A 31 -9.19 -7.30 -13.63
N LEU A 32 -9.73 -7.93 -14.66
CA LEU A 32 -9.12 -8.03 -15.98
C LEU A 32 -9.70 -7.09 -17.06
N TYR A 33 -10.64 -6.24 -16.68
CA TYR A 33 -11.14 -5.19 -17.56
C TYR A 33 -10.11 -4.09 -17.67
N TRP A 34 -9.55 -3.69 -16.54
CA TRP A 34 -8.56 -2.63 -16.52
C TRP A 34 -7.43 -2.92 -17.49
N VAL A 35 -7.20 -4.20 -17.76
CA VAL A 35 -6.21 -4.59 -18.80
C VAL A 35 -6.81 -4.39 -20.18
N ALA A 36 -8.08 -4.75 -20.33
CA ALA A 36 -8.79 -4.47 -21.55
C ALA A 36 -8.75 -2.98 -21.85
N TRP A 37 -8.40 -2.15 -20.86
CA TRP A 37 -8.49 -0.70 -21.05
C TRP A 37 -7.15 0.02 -21.13
N ALA A 38 -6.18 -0.46 -20.37
CA ALA A 38 -4.90 0.23 -20.26
C ALA A 38 -3.88 -0.19 -21.30
N SER A 39 -4.29 -1.05 -22.23
CA SER A 39 -3.38 -1.57 -23.24
C SER A 39 -3.42 -0.70 -24.47
N GLU A 40 -4.57 -0.05 -24.69
CA GLU A 40 -4.73 0.84 -25.82
C GLU A 40 -4.11 2.19 -25.52
N PHE A 41 -3.28 2.22 -24.48
CA PHE A 41 -2.59 3.42 -24.06
C PHE A 41 -1.11 3.16 -23.97
N TYR A 42 -0.33 3.90 -24.74
CA TYR A 42 1.05 3.52 -24.89
C TYR A 42 1.89 3.86 -23.68
N GLU A 43 1.47 4.89 -22.95
CA GLU A 43 2.24 5.43 -21.84
C GLU A 43 2.32 4.46 -20.66
N PHE A 44 1.58 3.35 -20.76
CA PHE A 44 1.40 2.35 -19.70
C PHE A 44 2.22 1.09 -19.90
N PHE A 45 3.10 1.08 -20.89
CA PHE A 45 3.87 -0.13 -21.21
C PHE A 45 5.36 0.03 -21.04
N PHE A 46 6.01 -1.06 -20.64
CA PHE A 46 7.45 -1.15 -20.64
C PHE A 46 7.77 -2.60 -20.90
N ASN A 47 8.95 -2.88 -21.45
CA ASN A 47 9.31 -4.22 -21.94
C ASN A 47 8.12 -5.02 -22.50
N ASP A 48 7.39 -4.40 -23.44
CA ASP A 48 6.32 -5.05 -24.19
C ASP A 48 5.19 -5.65 -23.32
N GLN A 49 4.86 -4.95 -22.23
CA GLN A 49 3.82 -5.38 -21.29
C GLN A 49 3.45 -4.27 -20.31
N LEU A 50 2.18 -4.21 -19.92
CA LEU A 50 1.72 -3.23 -18.94
C LEU A 50 2.62 -3.24 -17.71
N MET A 51 2.72 -2.11 -17.01
CA MET A 51 3.55 -2.07 -15.80
C MET A 51 2.70 -2.04 -14.53
N ILE A 52 3.37 -2.27 -13.39
CA ILE A 52 2.85 -2.28 -12.01
C ILE A 52 1.99 -1.07 -11.58
N THR A 53 1.13 -1.24 -10.58
CA THR A 53 0.23 -0.15 -10.22
C THR A 53 0.39 0.38 -8.79
N THR A 54 1.43 0.00 -8.08
CA THR A 54 1.65 0.62 -6.77
C THR A 54 3.11 0.71 -6.49
N ASN A 55 3.56 1.88 -6.05
CA ASN A 55 4.96 2.09 -5.74
C ASN A 55 5.55 0.91 -4.97
N ASP A 56 4.90 0.60 -3.85
CA ASP A 56 5.20 -0.57 -3.01
C ASP A 56 5.73 -1.75 -3.82
N GLY A 57 5.01 -2.15 -4.86
CA GLY A 57 5.38 -3.24 -5.75
C GLY A 57 6.82 -3.32 -6.19
N TYR A 58 7.41 -2.20 -6.62
CA TYR A 58 8.78 -2.28 -7.13
C TYR A 58 9.76 -2.71 -6.06
N ALA A 59 9.32 -2.60 -4.82
CA ALA A 59 10.09 -3.07 -3.68
C ALA A 59 10.37 -4.55 -3.86
N PHE A 60 9.31 -5.30 -4.14
CA PHE A 60 9.35 -6.74 -4.32
C PHE A 60 9.92 -7.10 -5.68
N ALA A 61 9.30 -6.57 -6.72
CA ALA A 61 9.84 -6.64 -8.07
C ALA A 61 11.35 -6.60 -7.99
N GLU A 62 11.91 -5.42 -7.72
CA GLU A 62 13.33 -5.29 -7.45
C GLU A 62 13.88 -6.52 -6.78
N GLY A 63 13.55 -6.68 -5.51
CA GLY A 63 13.98 -7.84 -4.75
C GLY A 63 14.00 -9.12 -5.56
N ALA A 64 12.83 -9.52 -6.08
CA ALA A 64 12.68 -10.74 -6.89
C ALA A 64 13.67 -10.76 -8.05
N ARG A 65 13.69 -9.70 -8.85
CA ARG A 65 14.69 -9.59 -9.90
C ARG A 65 16.05 -9.95 -9.33
N ASP A 66 16.47 -9.29 -8.26
CA ASP A 66 17.74 -9.64 -7.63
C ASP A 66 17.83 -11.11 -7.22
N MET A 67 16.78 -11.66 -6.63
CA MET A 67 16.71 -13.11 -6.34
C MET A 67 16.94 -13.97 -7.57
N ILE A 68 16.38 -13.52 -8.70
CA ILE A 68 16.57 -14.21 -9.97
C ILE A 68 18.03 -14.12 -10.41
N ALA A 69 18.68 -12.98 -10.13
CA ALA A 69 20.11 -12.83 -10.46
C ALA A 69 20.91 -13.83 -9.64
N GLY A 70 20.77 -13.77 -8.33
CA GLY A 70 21.65 -14.53 -7.46
C GLY A 70 22.01 -13.71 -6.25
N PHE A 71 22.30 -12.42 -6.42
CA PHE A 71 22.52 -11.65 -5.22
C PHE A 71 22.12 -10.17 -5.34
N HIS A 72 21.83 -9.54 -4.18
CA HIS A 72 21.49 -8.12 -3.96
C HIS A 72 22.76 -7.45 -3.41
N GLN A 73 22.97 -6.16 -3.54
CA GLN A 73 24.24 -5.63 -3.03
C GLN A 73 24.38 -5.40 -1.54
N PRO A 74 25.60 -5.12 -1.12
CA PRO A 74 25.73 -4.72 0.26
C PRO A 74 24.89 -3.52 0.67
N ASN A 75 24.10 -3.64 1.73
CA ASN A 75 23.61 -2.43 2.38
C ASN A 75 22.73 -1.51 1.51
N ASP A 76 22.37 -1.95 0.31
CA ASP A 76 21.28 -1.32 -0.43
C ASP A 76 20.05 -2.08 0.04
N LEU A 77 18.92 -1.40 0.13
CA LEU A 77 17.85 -1.95 0.96
C LEU A 77 16.91 -2.93 0.25
N SER A 78 17.45 -3.89 -0.51
CA SER A 78 16.60 -4.73 -1.37
C SER A 78 15.79 -5.79 -0.62
N TYR A 79 14.62 -6.09 -1.15
CA TYR A 79 13.74 -7.08 -0.52
C TYR A 79 14.02 -8.50 -1.01
N PHE A 80 15.27 -8.77 -1.33
CA PHE A 80 15.72 -10.12 -1.62
C PHE A 80 15.28 -11.08 -0.51
N GLY A 81 14.48 -12.08 -0.87
CA GLY A 81 14.02 -13.06 0.10
C GLY A 81 12.63 -12.79 0.65
N SER A 82 12.14 -11.57 0.46
CA SER A 82 10.75 -11.28 0.79
C SER A 82 9.79 -12.41 0.40
N SER A 83 8.71 -12.53 1.16
CA SER A 83 7.60 -13.40 0.84
C SER A 83 7.23 -13.34 -0.64
N LEU A 84 6.76 -12.16 -1.04
CA LEU A 84 6.27 -11.93 -2.40
C LEU A 84 7.40 -12.15 -3.40
N SER A 85 8.58 -11.62 -3.09
CA SER A 85 9.71 -11.78 -3.98
C SER A 85 9.96 -13.25 -4.24
N THR A 86 10.11 -13.98 -3.14
CA THR A 86 10.29 -15.42 -3.20
C THR A 86 9.25 -16.06 -4.08
N LEU A 87 7.97 -15.85 -3.79
CA LEU A 87 6.94 -16.50 -4.61
C LEU A 87 6.96 -16.12 -6.12
N THR A 88 7.32 -14.88 -6.42
CA THR A 88 7.39 -14.44 -7.81
C THR A 88 8.52 -15.20 -8.48
N TYR A 89 9.60 -15.39 -7.73
CA TYR A 89 10.80 -16.00 -8.31
C TYR A 89 10.72 -17.52 -8.39
N TRP A 90 9.83 -18.10 -7.59
CA TRP A 90 9.40 -19.47 -7.83
C TRP A 90 8.56 -19.46 -9.10
N LEU A 91 7.36 -18.88 -9.06
CA LEU A 91 6.48 -18.92 -10.24
C LEU A 91 7.14 -18.49 -11.56
N TYR A 92 8.28 -17.83 -11.47
CA TYR A 92 8.97 -17.31 -12.64
C TYR A 92 9.79 -18.41 -13.29
N SER A 93 10.41 -19.21 -12.44
CA SER A 93 11.26 -20.26 -12.89
C SER A 93 10.41 -21.51 -13.08
N ILE A 94 9.10 -21.36 -12.98
CA ILE A 94 8.19 -22.46 -13.18
C ILE A 94 7.31 -22.12 -14.39
N LEU A 95 7.44 -20.91 -14.91
CA LEU A 95 6.51 -20.44 -15.93
C LEU A 95 7.18 -19.74 -17.10
N PRO A 96 6.54 -19.80 -18.27
CA PRO A 96 7.07 -19.35 -19.57
C PRO A 96 6.71 -17.91 -19.82
N PHE A 97 6.26 -17.22 -18.78
CA PHE A 97 5.81 -15.84 -18.94
C PHE A 97 6.87 -14.89 -18.41
N SER A 98 6.91 -13.68 -18.95
CA SER A 98 7.95 -12.71 -18.59
C SER A 98 7.71 -12.10 -17.21
N PHE A 99 8.81 -11.82 -16.52
CA PHE A 99 8.76 -11.18 -15.21
C PHE A 99 7.62 -10.18 -15.18
N GLU A 100 7.66 -9.21 -16.09
CA GLU A 100 6.69 -8.12 -16.11
C GLU A 100 5.22 -8.58 -16.12
N SER A 101 4.94 -9.68 -16.84
CA SER A 101 3.58 -10.19 -16.96
C SER A 101 3.17 -10.99 -15.72
N ILE A 102 4.12 -11.71 -15.14
CA ILE A 102 3.92 -12.36 -13.85
C ILE A 102 3.62 -11.33 -12.75
N ILE A 103 4.66 -10.59 -12.35
CA ILE A 103 4.52 -9.37 -11.60
C ILE A 103 3.19 -8.67 -11.87
N LEU A 104 2.77 -8.62 -13.13
CA LEU A 104 1.51 -7.97 -13.42
C LEU A 104 0.28 -8.71 -12.93
N TYR A 105 0.06 -9.95 -13.39
CA TYR A 105 -1.20 -10.69 -13.11
C TYR A 105 -1.29 -11.49 -11.79
N MET A 106 -0.15 -11.66 -11.10
CA MET A 106 -0.11 -12.36 -9.82
C MET A 106 -1.22 -11.93 -8.85
N SER A 107 -1.35 -10.62 -8.65
CA SER A 107 -2.43 -10.01 -7.89
C SER A 107 -3.80 -10.57 -8.28
N THR A 108 -4.11 -10.42 -9.56
CA THR A 108 -5.31 -10.98 -10.17
C THR A 108 -5.54 -12.45 -9.82
N PHE A 109 -4.50 -13.26 -9.91
CA PHE A 109 -4.71 -14.66 -9.62
C PHE A 109 -4.93 -14.86 -8.15
N PHE A 110 -3.85 -14.72 -7.39
CA PHE A 110 -3.91 -15.01 -5.98
C PHE A 110 -5.05 -14.35 -5.23
N ALA A 111 -5.32 -13.07 -5.45
CA ALA A 111 -6.38 -12.47 -4.63
C ALA A 111 -7.77 -12.92 -5.01
N SER A 112 -7.89 -13.66 -6.10
CA SER A 112 -9.17 -14.22 -6.47
C SER A 112 -9.45 -15.50 -5.70
N LEU A 113 -8.51 -15.92 -4.85
CA LEU A 113 -8.64 -17.16 -4.12
C LEU A 113 -9.61 -17.08 -2.95
N ILE A 114 -9.94 -15.85 -2.56
CA ILE A 114 -10.71 -15.63 -1.35
C ILE A 114 -12.14 -16.20 -1.51
N VAL A 115 -12.58 -16.07 -2.76
CA VAL A 115 -13.80 -16.70 -3.24
C VAL A 115 -13.91 -18.18 -2.76
N VAL A 116 -12.79 -18.77 -2.36
CA VAL A 116 -12.77 -20.16 -1.85
C VAL A 116 -13.20 -20.32 -0.38
N PRO A 117 -12.43 -19.75 0.56
CA PRO A 117 -12.99 -19.84 1.90
C PRO A 117 -14.33 -19.17 1.99
N ILE A 118 -14.63 -18.10 1.25
CA ILE A 118 -16.00 -17.58 1.46
C ILE A 118 -17.07 -18.70 1.37
N ILE A 119 -17.18 -19.31 0.20
CA ILE A 119 -18.19 -20.33 -0.04
C ILE A 119 -17.95 -21.59 0.78
N LEU A 120 -16.71 -21.88 1.13
CA LEU A 120 -16.46 -23.01 2.03
C LEU A 120 -17.06 -22.82 3.45
N ILE A 121 -16.79 -21.68 4.06
CA ILE A 121 -17.39 -21.40 5.36
C ILE A 121 -18.88 -21.33 5.25
N ALA A 122 -19.35 -20.58 4.25
CA ALA A 122 -20.78 -20.58 3.98
C ALA A 122 -21.28 -22.02 4.08
N ARG A 123 -20.58 -22.95 3.41
CA ARG A 123 -21.00 -24.35 3.31
C ARG A 123 -20.96 -25.09 4.63
N GLU A 124 -20.00 -24.74 5.48
CA GLU A 124 -20.02 -25.29 6.83
C GLU A 124 -21.38 -25.02 7.50
N TYR A 125 -21.92 -23.85 7.22
CA TYR A 125 -23.18 -23.39 7.80
C TYR A 125 -24.39 -23.89 7.02
N LYS A 126 -24.12 -24.81 6.12
CA LYS A 126 -25.17 -25.45 5.32
C LYS A 126 -25.83 -24.42 4.43
N LEU A 127 -25.05 -23.39 4.07
CA LEU A 127 -25.51 -22.33 3.19
C LEU A 127 -24.51 -22.06 2.07
N THR A 128 -24.33 -23.02 1.17
CA THR A 128 -23.33 -22.83 0.12
C THR A 128 -23.75 -21.78 -0.87
N THR A 129 -24.82 -22.05 -1.62
CA THR A 129 -25.32 -21.10 -2.60
C THR A 129 -25.34 -19.64 -2.10
N TYR A 130 -25.63 -19.41 -0.82
CA TYR A 130 -25.52 -18.04 -0.31
C TYR A 130 -24.06 -17.62 -0.20
N GLY A 131 -23.20 -18.58 0.14
CA GLY A 131 -21.77 -18.36 0.09
C GLY A 131 -21.28 -17.91 -1.28
N PHE A 132 -21.78 -18.54 -2.34
CA PHE A 132 -21.41 -18.20 -3.71
C PHE A 132 -21.59 -16.71 -3.94
N ILE A 133 -22.77 -16.22 -3.56
CA ILE A 133 -23.05 -14.79 -3.58
C ILE A 133 -22.11 -13.95 -2.67
N ALA A 134 -21.98 -14.35 -1.40
CA ALA A 134 -21.09 -13.61 -0.49
C ALA A 134 -19.71 -13.44 -1.10
N ALA A 135 -19.31 -14.39 -1.94
CA ALA A 135 -17.99 -14.36 -2.55
C ALA A 135 -17.93 -13.61 -3.91
N LEU A 136 -18.96 -13.71 -4.74
CA LEU A 136 -19.02 -12.82 -5.89
C LEU A 136 -18.88 -11.41 -5.36
N LEU A 137 -19.65 -11.07 -4.32
CA LEU A 137 -19.58 -9.71 -3.78
C LEU A 137 -18.23 -9.42 -3.15
N GLY A 138 -17.75 -10.35 -2.33
CA GLY A 138 -16.53 -10.12 -1.57
C GLY A 138 -15.31 -10.02 -2.45
N SER A 139 -15.38 -10.54 -3.67
CA SER A 139 -14.18 -10.55 -4.52
C SER A 139 -14.10 -9.32 -5.41
N ILE A 140 -14.98 -8.36 -5.14
CA ILE A 140 -15.10 -7.21 -6.02
C ILE A 140 -15.21 -5.91 -5.24
N ALA A 141 -15.84 -5.97 -4.08
CA ALA A 141 -15.99 -4.81 -3.21
C ALA A 141 -14.82 -3.83 -3.30
N ASN A 142 -15.14 -2.54 -3.30
CA ASN A 142 -14.20 -1.48 -3.60
C ASN A 142 -12.81 -1.69 -3.01
N SER A 143 -12.63 -1.40 -1.73
CA SER A 143 -11.35 -1.64 -1.04
C SER A 143 -10.62 -2.86 -1.57
N TYR A 144 -11.31 -3.99 -1.67
CA TYR A 144 -10.64 -5.21 -2.08
C TYR A 144 -10.13 -5.08 -3.51
N TYR A 145 -11.02 -4.78 -4.46
CA TYR A 145 -10.59 -4.65 -5.84
C TYR A 145 -9.37 -3.74 -5.90
N ASN A 146 -9.52 -2.58 -5.29
CA ASN A 146 -8.57 -1.50 -5.38
C ASN A 146 -7.19 -1.89 -4.98
N ARG A 147 -7.08 -2.74 -3.96
CA ARG A 147 -5.78 -3.16 -3.43
C ARG A 147 -5.27 -4.47 -4.03
N THR A 148 -5.91 -4.82 -5.14
CA THR A 148 -5.81 -6.15 -5.71
C THR A 148 -6.11 -6.13 -7.21
N MET A 149 -6.03 -4.96 -7.85
CA MET A 149 -6.28 -4.88 -9.28
C MET A 149 -5.32 -5.78 -10.02
N SER A 150 -5.49 -5.89 -11.33
CA SER A 150 -4.58 -6.69 -12.12
C SER A 150 -3.20 -6.08 -12.04
N GLY A 151 -3.11 -4.90 -11.45
CA GLY A 151 -1.84 -4.21 -11.45
C GLY A 151 -1.06 -4.27 -10.15
N TYR A 152 -1.75 -4.55 -9.03
CA TYR A 152 -1.28 -4.26 -7.66
C TYR A 152 -0.26 -5.25 -7.10
N TYR A 153 0.96 -5.20 -7.57
CA TYR A 153 1.96 -6.17 -7.15
C TYR A 153 2.55 -5.79 -5.76
N ASP A 154 1.71 -5.89 -4.74
CA ASP A 154 2.09 -5.61 -3.34
C ASP A 154 1.55 -6.75 -2.48
N THR A 155 2.11 -6.84 -1.28
CA THR A 155 1.85 -7.88 -0.32
C THR A 155 0.39 -8.17 -0.08
N ASP A 156 -0.49 -7.41 -0.74
CA ASP A 156 -1.90 -7.43 -0.39
C ASP A 156 -2.69 -8.57 -1.00
N MET A 157 -2.08 -9.34 -1.88
CA MET A 157 -2.86 -10.31 -2.63
C MET A 157 -3.38 -11.51 -1.85
N LEU A 158 -2.77 -11.81 -0.71
CA LEU A 158 -3.20 -12.92 0.16
C LEU A 158 -3.48 -12.46 1.59
N VAL A 159 -3.50 -11.14 1.78
CA VAL A 159 -3.61 -10.56 3.11
C VAL A 159 -4.96 -10.88 3.72
N LEU A 160 -5.95 -11.08 2.86
CA LEU A 160 -7.27 -11.47 3.30
C LEU A 160 -7.68 -12.94 3.00
N VAL A 161 -6.93 -13.59 2.11
CA VAL A 161 -7.13 -14.99 1.79
C VAL A 161 -6.69 -15.86 2.95
N LEU A 162 -5.52 -15.56 3.49
CA LEU A 162 -4.91 -16.38 4.54
C LEU A 162 -5.67 -16.45 5.90
N PRO A 163 -6.00 -15.29 6.50
CA PRO A 163 -6.71 -15.39 7.78
C PRO A 163 -8.13 -15.89 7.56
N MET A 164 -8.71 -15.54 6.43
CA MET A 164 -9.99 -16.10 6.04
C MET A 164 -9.96 -17.61 5.82
N LEU A 165 -8.78 -18.16 5.53
CA LEU A 165 -8.63 -19.61 5.47
C LEU A 165 -8.55 -20.13 6.89
N ILE A 166 -7.73 -19.46 7.69
CA ILE A 166 -7.56 -19.81 9.10
C ILE A 166 -8.90 -19.91 9.85
N LEU A 167 -9.83 -19.02 9.53
CA LEU A 167 -11.12 -18.95 10.18
C LEU A 167 -12.05 -20.10 9.78
N LEU A 168 -12.04 -20.47 8.51
CA LEU A 168 -12.81 -21.63 8.08
C LEU A 168 -12.22 -22.83 8.75
N THR A 169 -10.90 -22.81 8.90
CA THR A 169 -10.24 -23.85 9.68
C THR A 169 -10.85 -23.94 11.09
N PHE A 170 -10.84 -22.81 11.81
CA PHE A 170 -11.42 -22.73 13.15
C PHE A 170 -12.81 -23.34 13.16
N ILE A 171 -13.68 -22.81 12.31
CA ILE A 171 -15.07 -23.26 12.29
C ILE A 171 -15.21 -24.77 12.00
N ARG A 172 -14.48 -25.26 10.99
CA ARG A 172 -14.58 -26.67 10.65
C ARG A 172 -14.17 -27.48 11.87
N LEU A 173 -13.19 -26.97 12.61
CA LEU A 173 -12.88 -27.62 13.90
C LEU A 173 -14.06 -27.60 14.83
N THR A 174 -14.66 -26.42 15.05
CA THR A 174 -15.82 -26.34 15.94
C THR A 174 -16.87 -27.39 15.61
N ILE A 175 -17.18 -27.52 14.33
CA ILE A 175 -18.30 -28.35 13.94
C ILE A 175 -17.96 -29.82 13.80
N ASN A 176 -17.06 -30.13 12.88
CA ASN A 176 -16.71 -31.53 12.61
C ASN A 176 -15.68 -32.11 13.57
N LYS A 177 -14.97 -31.24 14.28
CA LYS A 177 -13.94 -31.66 15.23
C LYS A 177 -12.95 -32.68 14.68
N ASP A 178 -12.88 -32.78 13.34
CA ASP A 178 -11.99 -33.73 12.70
C ASP A 178 -10.55 -33.25 12.82
N ILE A 179 -9.63 -34.19 12.96
CA ILE A 179 -8.26 -33.85 13.29
C ILE A 179 -7.50 -33.08 12.20
N PHE A 180 -7.87 -33.21 10.93
CA PHE A 180 -7.09 -32.51 9.91
C PHE A 180 -6.95 -31.00 10.22
N THR A 181 -7.97 -30.39 10.83
CA THR A 181 -7.90 -29.00 11.29
C THR A 181 -6.63 -28.68 12.10
N LEU A 182 -6.32 -29.53 13.07
CA LEU A 182 -5.08 -29.40 13.86
C LEU A 182 -3.82 -29.20 13.02
N LEU A 183 -3.80 -29.75 11.80
CA LEU A 183 -2.60 -29.60 10.97
C LEU A 183 -2.66 -28.29 10.24
N LEU A 184 -3.87 -27.92 9.84
CA LEU A 184 -4.11 -26.78 8.96
C LEU A 184 -3.97 -25.42 9.64
N SER A 185 -4.71 -25.17 10.71
CA SER A 185 -4.63 -23.84 11.30
C SER A 185 -3.21 -23.41 11.73
N PRO A 186 -2.44 -24.32 12.36
CA PRO A 186 -1.07 -23.90 12.68
C PRO A 186 -0.19 -23.83 11.44
N ILE A 187 -0.53 -24.56 10.37
CA ILE A 187 0.10 -24.34 9.07
C ILE A 187 -0.30 -23.00 8.42
N PHE A 188 -1.59 -22.78 8.23
CA PHE A 188 -2.02 -21.50 7.71
C PHE A 188 -1.43 -20.34 8.53
N ILE A 189 -1.73 -20.31 9.83
CA ILE A 189 -1.14 -19.33 10.77
C ILE A 189 0.37 -19.08 10.56
N MET A 190 1.07 -20.10 10.08
CA MET A 190 2.50 -19.98 9.80
C MET A 190 2.76 -19.28 8.47
N ILE A 191 2.16 -19.83 7.41
CA ILE A 191 2.25 -19.24 6.09
C ILE A 191 1.87 -17.77 6.14
N TYR A 192 0.69 -17.45 6.69
CA TYR A 192 0.28 -16.05 6.87
C TYR A 192 1.41 -15.25 7.53
N LEU A 193 1.96 -15.80 8.60
CA LEU A 193 3.03 -15.13 9.36
C LEU A 193 4.32 -15.01 8.54
N TRP A 194 4.56 -15.96 7.66
CA TRP A 194 5.70 -15.88 6.76
C TRP A 194 5.49 -14.72 5.84
N TRP A 195 4.36 -14.78 5.15
CA TRP A 195 4.12 -14.02 3.94
C TRP A 195 3.49 -12.67 4.22
N TYR A 196 3.58 -12.27 5.49
CA TYR A 196 3.20 -10.93 5.96
C TYR A 196 3.56 -10.85 7.44
N PRO A 197 4.76 -10.33 7.75
CA PRO A 197 5.28 -10.33 9.11
C PRO A 197 4.34 -9.63 10.10
N SER A 198 3.42 -8.85 9.58
CA SER A 198 2.72 -7.90 10.41
C SER A 198 1.39 -8.47 10.82
N SER A 199 1.01 -9.55 10.19
CA SER A 199 -0.26 -10.17 10.55
C SER A 199 -0.13 -10.66 11.99
N TYR A 200 1.04 -10.42 12.58
CA TYR A 200 1.28 -10.91 13.93
C TYR A 200 0.12 -10.64 14.87
N SER A 201 -0.02 -9.40 15.33
CA SER A 201 -1.13 -9.02 16.17
C SER A 201 -2.46 -9.67 15.75
N LEU A 202 -2.89 -9.50 14.49
CA LEU A 202 -4.13 -10.15 14.00
C LEU A 202 -4.24 -11.67 14.35
N ASN A 203 -3.15 -12.38 14.18
CA ASN A 203 -3.09 -13.80 14.53
C ASN A 203 -3.18 -14.03 16.03
N PHE A 204 -2.40 -13.25 16.75
CA PHE A 204 -2.45 -13.29 18.19
C PHE A 204 -3.92 -13.23 18.60
N ALA A 205 -4.55 -12.10 18.32
CA ALA A 205 -5.97 -11.86 18.53
C ALA A 205 -6.91 -13.00 18.14
N MET A 206 -6.85 -13.45 16.89
CA MET A 206 -7.72 -14.58 16.52
C MET A 206 -7.53 -15.82 17.39
N ILE A 207 -6.28 -16.08 17.78
CA ILE A 207 -6.01 -17.16 18.73
C ILE A 207 -6.57 -16.89 20.14
N GLY A 208 -6.36 -15.70 20.68
CA GLY A 208 -6.95 -15.33 21.95
C GLY A 208 -8.43 -15.65 21.92
N LEU A 209 -9.12 -15.04 20.95
CA LEU A 209 -10.53 -15.30 20.81
C LEU A 209 -10.74 -16.80 20.84
N PHE A 210 -10.16 -17.52 19.88
CA PHE A 210 -10.37 -18.97 19.79
C PHE A 210 -10.24 -19.72 21.13
N GLY A 211 -9.39 -19.19 22.00
CA GLY A 211 -9.21 -19.73 23.32
C GLY A 211 -10.32 -19.38 24.29
N LEU A 212 -10.65 -18.09 24.42
CA LEU A 212 -11.73 -17.72 25.36
C LEU A 212 -13.00 -18.43 24.94
N TYR A 213 -13.11 -18.64 23.64
CA TYR A 213 -14.23 -19.31 23.02
C TYR A 213 -14.21 -20.79 23.34
N THR A 214 -13.04 -21.42 23.19
CA THR A 214 -12.88 -22.81 23.67
C THR A 214 -13.31 -22.96 25.13
N LEU A 215 -12.97 -21.97 25.95
CA LEU A 215 -13.32 -21.94 27.36
C LEU A 215 -14.81 -21.82 27.57
N VAL A 216 -15.47 -20.98 26.80
CA VAL A 216 -16.91 -20.93 26.93
C VAL A 216 -17.55 -22.17 26.33
N PHE A 217 -17.69 -22.18 25.02
CA PHE A 217 -18.45 -23.22 24.34
C PHE A 217 -17.85 -24.62 24.35
N HIS A 218 -16.65 -24.73 24.89
CA HIS A 218 -15.94 -25.99 24.79
C HIS A 218 -14.99 -26.29 25.93
N ARG A 219 -15.27 -25.84 27.16
CA ARG A 219 -14.24 -26.03 28.17
C ARG A 219 -13.92 -27.50 28.51
N LYS A 220 -14.59 -28.43 27.83
CA LYS A 220 -14.42 -29.85 28.10
C LYS A 220 -13.71 -30.62 26.98
N GLU A 221 -13.90 -30.18 25.73
CA GLU A 221 -13.45 -30.95 24.54
C GLU A 221 -11.93 -31.01 24.48
N LYS A 222 -11.40 -32.14 24.01
CA LYS A 222 -9.95 -32.33 24.03
C LYS A 222 -9.27 -31.61 22.89
N ILE A 223 -9.52 -32.08 21.67
CA ILE A 223 -8.89 -31.53 20.47
C ILE A 223 -8.60 -30.05 20.62
N PHE A 224 -9.53 -29.33 21.24
CA PHE A 224 -9.45 -27.87 21.35
C PHE A 224 -8.24 -27.27 22.07
N TYR A 225 -7.87 -27.81 23.21
CA TYR A 225 -6.71 -27.26 23.90
C TYR A 225 -5.42 -27.59 23.14
N LEU A 226 -5.41 -28.79 22.57
CA LEU A 226 -4.33 -29.16 21.67
C LEU A 226 -4.21 -28.09 20.60
N ALA A 227 -5.33 -27.72 20.00
CA ALA A 227 -5.29 -26.71 18.96
C ALA A 227 -4.78 -25.38 19.49
N ILE A 228 -5.38 -24.83 20.55
CA ILE A 228 -4.85 -23.58 21.09
C ILE A 228 -3.34 -23.68 21.21
N ALA A 229 -2.85 -24.79 21.74
CA ALA A 229 -1.41 -24.93 21.96
C ALA A 229 -0.59 -24.96 20.66
N LEU A 230 -1.06 -25.67 19.64
CA LEU A 230 -0.34 -25.73 18.37
C LEU A 230 -0.36 -24.39 17.63
N MET A 231 -1.50 -23.73 17.62
CA MET A 231 -1.61 -22.39 17.07
C MET A 231 -0.60 -21.49 17.79
N ILE A 232 -0.63 -21.55 19.11
CA ILE A 232 0.26 -20.72 19.93
C ILE A 232 1.72 -20.98 19.63
N ILE A 233 2.07 -22.24 19.38
CA ILE A 233 3.43 -22.63 18.96
C ILE A 233 3.77 -22.10 17.56
N ALA A 234 2.74 -22.02 16.71
CA ALA A 234 2.91 -21.55 15.34
C ALA A 234 3.15 -20.04 15.35
N LEU A 235 2.61 -19.39 16.38
CA LEU A 235 2.77 -17.94 16.57
C LEU A 235 4.21 -17.56 16.90
N SER A 236 4.82 -18.25 17.87
CA SER A 236 6.16 -17.91 18.33
C SER A 236 7.25 -18.03 17.26
N MET A 237 8.48 -17.64 17.64
CA MET A 237 9.63 -17.55 16.74
C MET A 237 10.63 -18.71 16.92
N LEU A 238 10.39 -19.80 16.21
CA LEU A 238 11.15 -21.03 16.36
C LEU A 238 11.50 -21.56 14.98
N ALA A 239 12.79 -21.75 14.69
CA ALA A 239 13.19 -22.30 13.39
C ALA A 239 12.10 -23.20 12.80
N TRP A 240 11.69 -22.92 11.56
CA TRP A 240 10.58 -23.63 10.91
C TRP A 240 10.51 -25.14 11.25
N GLN A 241 11.69 -25.75 11.40
CA GLN A 241 11.84 -27.19 11.65
C GLN A 241 11.20 -27.64 12.97
N TYR A 242 11.48 -26.90 14.04
CA TYR A 242 10.89 -27.15 15.36
C TYR A 242 9.36 -27.08 15.31
N LYS A 243 8.86 -26.12 14.54
CA LYS A 243 7.43 -25.95 14.34
C LYS A 243 6.83 -27.14 13.58
N LEU A 244 7.15 -27.27 12.29
CA LEU A 244 6.67 -28.41 11.52
C LEU A 244 6.74 -29.70 12.36
N ALA A 245 7.93 -29.98 12.88
CA ALA A 245 8.17 -31.17 13.71
C ALA A 245 7.22 -31.28 14.91
N LEU A 246 7.51 -30.52 15.95
CA LEU A 246 6.69 -30.43 17.16
C LEU A 246 5.18 -30.56 16.87
N ILE A 247 4.71 -29.82 15.86
CA ILE A 247 3.34 -30.00 15.36
C ILE A 247 3.05 -31.43 14.96
N VAL A 248 3.78 -31.95 13.97
CA VAL A 248 3.54 -33.32 13.49
C VAL A 248 3.59 -34.40 14.59
N LEU A 249 4.58 -34.34 15.50
CA LEU A 249 4.60 -35.30 16.64
C LEU A 249 3.34 -35.12 17.50
N LEU A 250 3.19 -33.90 18.04
CA LEU A 250 1.98 -33.58 18.80
C LEU A 250 0.67 -33.87 18.06
N PHE A 251 0.78 -34.28 16.80
CA PHE A 251 -0.38 -34.62 16.00
C PHE A 251 -0.57 -36.12 15.98
N ALA A 252 0.38 -36.82 15.37
CA ALA A 252 0.33 -38.26 15.37
C ALA A 252 0.01 -38.78 16.79
N ILE A 253 0.73 -38.31 17.82
CA ILE A 253 0.42 -38.87 19.14
C ILE A 253 -1.08 -38.75 19.43
N PHE A 254 -1.72 -37.64 19.05
CA PHE A 254 -3.15 -37.43 19.34
C PHE A 254 -4.07 -38.26 18.45
N ALA A 255 -3.71 -38.46 17.19
CA ALA A 255 -4.55 -39.28 16.31
C ALA A 255 -4.49 -40.76 16.66
N PHE A 256 -3.29 -41.26 16.96
CA PHE A 256 -3.14 -42.70 17.21
C PHE A 256 -3.08 -43.11 18.68
N LYS A 257 -3.02 -42.14 19.59
CA LYS A 257 -3.17 -42.44 21.02
C LYS A 257 -4.59 -42.28 21.47
N GLU A 258 -5.52 -42.51 20.54
CA GLU A 258 -6.91 -42.80 20.87
C GLU A 258 -7.54 -41.66 21.69
N GLU A 259 -7.21 -41.58 22.98
CA GLU A 259 -7.84 -40.60 23.88
C GLU A 259 -6.99 -40.23 25.09
N LYS A 260 -5.82 -40.85 25.24
CA LYS A 260 -5.15 -40.85 26.55
C LYS A 260 -4.15 -39.70 26.81
N ILE A 261 -4.72 -38.61 27.31
CA ILE A 261 -4.05 -37.34 27.60
C ILE A 261 -4.98 -36.55 28.53
N ASN A 262 -4.51 -36.19 29.73
CA ASN A 262 -5.37 -35.48 30.69
C ASN A 262 -5.13 -33.98 30.70
N PHE A 263 -6.11 -33.22 31.16
CA PHE A 263 -6.05 -31.77 31.07
C PHE A 263 -4.76 -31.21 31.62
N TYR A 264 -4.34 -31.61 32.82
CA TYR A 264 -3.16 -30.97 33.36
C TYR A 264 -1.98 -30.96 32.39
N MET A 265 -1.78 -32.04 31.62
CA MET A 265 -0.60 -32.13 30.73
C MET A 265 -0.76 -31.27 29.47
N ILE A 266 -2.01 -31.05 29.12
CA ILE A 266 -2.35 -30.13 28.08
C ILE A 266 -2.14 -28.68 28.55
N TRP A 267 -2.49 -28.35 29.79
CA TRP A 267 -2.32 -27.01 30.32
C TRP A 267 -0.85 -26.76 30.54
N ALA A 268 -0.10 -27.84 30.72
CA ALA A 268 1.34 -27.71 30.71
C ALA A 268 1.84 -27.50 29.28
N LEU A 269 1.29 -28.17 28.27
CA LEU A 269 1.64 -27.83 26.89
C LEU A 269 1.38 -26.35 26.57
N ILE A 270 0.26 -25.85 27.06
CA ILE A 270 -0.12 -24.49 26.93
C ILE A 270 0.88 -23.59 27.64
N PHE A 271 1.13 -23.84 28.91
CA PHE A 271 2.03 -22.97 29.69
C PHE A 271 3.45 -22.93 29.13
N ILE A 272 4.03 -24.10 28.96
CA ILE A 272 5.25 -24.37 28.23
C ILE A 272 5.33 -23.60 26.93
N SER A 273 4.36 -23.84 26.06
CA SER A 273 4.38 -23.21 24.76
C SER A 273 4.39 -21.68 24.91
N ILE A 274 3.55 -21.14 25.77
CA ILE A 274 3.55 -19.70 26.06
C ILE A 274 4.89 -19.21 26.63
N SER A 275 5.64 -20.14 27.21
CA SER A 275 6.99 -19.85 27.64
C SER A 275 7.89 -19.73 26.41
N ILE A 276 7.69 -20.61 25.43
CA ILE A 276 8.33 -20.45 24.11
C ILE A 276 8.06 -19.02 23.57
N LEU A 277 6.78 -18.70 23.41
CA LEU A 277 6.41 -17.30 23.19
C LEU A 277 7.32 -16.34 23.97
N HIS A 278 7.37 -16.44 25.31
CA HIS A 278 8.14 -15.46 26.12
C HIS A 278 9.63 -15.36 25.77
N LEU A 279 10.28 -16.50 25.66
CA LEU A 279 11.67 -16.59 25.22
C LEU A 279 11.85 -15.93 23.85
N SER A 280 10.80 -15.97 23.02
CA SER A 280 10.92 -15.34 21.68
C SER A 280 10.55 -13.84 21.61
N GLY A 281 9.40 -13.50 22.18
CA GLY A 281 8.89 -12.14 22.14
C GLY A 281 7.41 -12.24 21.87
N GLY A 282 6.60 -11.68 22.75
CA GLY A 282 5.16 -11.83 22.65
C GLY A 282 4.40 -10.88 23.56
N ALA A 307 18.14 16.59 21.25
CA ALA A 307 16.92 15.78 21.15
C ALA A 307 16.41 15.50 19.70
N PHE A 308 16.59 16.47 18.78
CA PHE A 308 16.30 16.35 17.32
C PHE A 308 14.98 15.72 16.82
N MET A 309 14.02 16.59 16.46
CA MET A 309 12.65 16.23 16.05
C MET A 309 12.36 16.64 14.59
N TYR A 310 11.72 15.75 13.84
CA TYR A 310 11.44 16.00 12.41
C TYR A 310 9.93 15.92 12.14
N PHE A 311 9.47 16.57 11.06
CA PHE A 311 8.04 16.57 10.67
C PHE A 311 7.49 15.14 10.56
N ASN A 312 6.18 14.94 10.58
CA ASN A 312 5.66 13.57 10.65
C ASN A 312 5.18 12.97 9.32
N VAL A 313 5.74 11.84 8.88
CA VAL A 313 5.32 11.28 7.58
C VAL A 313 3.94 10.66 7.59
N ASN A 314 3.16 10.87 8.64
CA ASN A 314 1.90 10.14 8.73
C ASN A 314 0.68 10.92 8.22
N GLU A 315 0.65 12.23 8.45
CA GLU A 315 -0.37 13.06 7.84
C GLU A 315 0.00 13.33 6.38
N THR A 316 0.77 12.41 5.81
CA THR A 316 1.33 12.59 4.48
C THR A 316 1.09 11.39 3.58
N ILE A 317 0.75 10.21 4.10
CA ILE A 317 0.66 9.02 3.24
C ILE A 317 -0.72 8.78 2.64
N MET A 318 -0.85 8.63 1.32
CA MET A 318 -2.19 8.60 0.73
C MET A 318 -3.04 7.47 1.28
N GLU A 319 -2.42 6.30 1.22
CA GLU A 319 -2.92 5.00 1.61
C GLU A 319 -3.51 4.97 3.03
N VAL A 320 -3.23 6.02 3.79
CA VAL A 320 -3.58 6.02 5.19
C VAL A 320 -4.34 7.31 5.58
N ASN A 321 -4.85 7.99 4.57
CA ASN A 321 -5.73 9.15 4.72
C ASN A 321 -7.02 8.64 5.37
N THR A 322 -7.96 9.52 5.71
CA THR A 322 -9.17 9.11 6.43
C THR A 322 -10.42 8.90 5.59
N ILE A 323 -11.57 8.74 6.23
CA ILE A 323 -12.79 8.67 5.45
C ILE A 323 -14.07 9.27 6.05
N ASP A 324 -14.99 9.67 5.16
CA ASP A 324 -16.37 10.00 5.52
C ASP A 324 -17.08 8.68 5.53
N PRO A 325 -17.72 8.34 6.66
CA PRO A 325 -18.35 7.02 6.83
C PRO A 325 -19.11 6.56 5.59
N GLU A 326 -19.50 7.49 4.72
CA GLU A 326 -20.13 7.16 3.44
C GLU A 326 -19.22 6.20 2.69
N VAL A 327 -18.00 6.66 2.45
CA VAL A 327 -17.01 5.86 1.75
C VAL A 327 -16.53 4.73 2.64
N PHE A 328 -16.66 4.86 3.94
CA PHE A 328 -16.30 3.73 4.75
C PHE A 328 -17.20 2.60 4.26
N MET A 329 -18.51 2.76 4.47
CA MET A 329 -19.46 1.77 4.02
C MET A 329 -19.07 1.36 2.62
N GLN A 330 -19.03 2.32 1.68
CA GLN A 330 -18.74 1.99 0.27
C GLN A 330 -17.56 1.05 0.11
N ARG A 331 -16.36 1.59 0.27
CA ARG A 331 -15.15 0.79 0.43
C ARG A 331 -15.35 -0.63 0.98
N ILE A 332 -16.06 -0.76 2.09
CA ILE A 332 -16.27 -2.13 2.59
C ILE A 332 -17.23 -3.00 1.78
N SER A 333 -18.31 -2.41 1.25
CA SER A 333 -19.32 -3.16 0.49
C SER A 333 -19.83 -2.56 -0.85
N SER A 334 -19.44 -1.33 -1.17
CA SER A 334 -19.82 -0.69 -2.45
C SER A 334 -21.28 -0.36 -2.50
N SER A 335 -21.81 0.24 -1.44
CA SER A 335 -23.25 0.50 -1.34
C SER A 335 -23.77 0.59 0.09
N VAL A 336 -24.00 1.80 0.59
CA VAL A 336 -24.47 1.98 1.97
C VAL A 336 -25.66 1.08 2.39
N LEU A 337 -26.66 0.97 1.53
CA LEU A 337 -27.83 0.13 1.81
C LEU A 337 -27.36 -1.30 2.02
N VAL A 338 -26.45 -1.74 1.15
CA VAL A 338 -25.87 -3.08 1.23
C VAL A 338 -25.02 -3.24 2.48
N PHE A 339 -24.41 -2.16 2.95
CA PHE A 339 -23.62 -2.19 4.17
C PHE A 339 -24.55 -2.40 5.35
N ILE A 340 -25.67 -1.69 5.37
CA ILE A 340 -26.64 -1.80 6.45
C ILE A 340 -27.29 -3.16 6.39
N LEU A 341 -27.32 -3.78 5.21
CA LEU A 341 -27.92 -5.12 5.11
C LEU A 341 -26.95 -6.18 5.62
N SER A 342 -25.69 -5.94 5.29
CA SER A 342 -24.58 -6.82 5.60
C SER A 342 -24.29 -6.84 7.09
N PHE A 343 -24.29 -5.68 7.74
CA PHE A 343 -24.05 -5.63 9.18
C PHE A 343 -25.06 -6.49 9.94
N ILE A 344 -26.32 -6.32 9.57
CA ILE A 344 -27.43 -7.10 10.10
C ILE A 344 -27.24 -8.58 9.83
N GLY A 345 -26.99 -8.93 8.57
CA GLY A 345 -26.74 -10.30 8.19
C GLY A 345 -25.65 -10.95 9.01
N PHE A 346 -24.65 -10.15 9.37
CA PHE A 346 -23.53 -10.59 10.18
C PHE A 346 -23.95 -10.81 11.62
N ILE A 347 -24.73 -9.88 12.15
CA ILE A 347 -25.33 -10.02 13.49
C ILE A 347 -26.19 -11.28 13.66
N LEU A 348 -27.13 -11.47 12.76
CA LEU A 348 -27.95 -12.66 12.82
C LEU A 348 -27.05 -13.88 12.63
N LEU A 349 -26.28 -13.91 11.54
CA LEU A 349 -25.34 -15.02 11.33
C LEU A 349 -24.58 -15.42 12.60
N CYS A 350 -24.07 -14.42 13.32
CA CYS A 350 -23.38 -14.63 14.59
C CYS A 350 -24.34 -15.21 15.57
N LYS A 351 -25.23 -14.38 16.12
CA LYS A 351 -26.24 -14.88 17.07
C LYS A 351 -27.23 -15.82 16.37
N ASP A 352 -26.64 -16.72 15.58
CA ASP A 352 -27.29 -17.88 14.99
C ASP A 352 -26.23 -19.00 14.83
N HIS A 353 -24.96 -18.69 15.12
CA HIS A 353 -23.90 -19.68 14.87
C HIS A 353 -22.70 -19.66 15.82
N LYS A 354 -22.35 -18.50 16.36
CA LYS A 354 -21.36 -18.40 17.43
C LYS A 354 -19.94 -18.48 16.92
N SER A 355 -19.70 -19.38 15.98
CA SER A 355 -18.38 -19.57 15.39
C SER A 355 -18.00 -18.36 14.55
N MET A 356 -19.01 -17.80 13.90
CA MET A 356 -18.85 -16.62 13.07
C MET A 356 -18.39 -15.48 13.96
N LEU A 357 -18.64 -15.63 15.25
CA LEU A 357 -18.15 -14.72 16.28
C LEU A 357 -16.62 -14.68 16.19
N LEU A 358 -16.05 -15.81 15.80
CA LEU A 358 -14.62 -15.92 15.68
C LEU A 358 -14.06 -15.01 14.58
N ALA A 359 -14.94 -14.34 13.83
CA ALA A 359 -14.47 -13.39 12.82
C ALA A 359 -14.22 -12.02 13.41
N LEU A 360 -14.82 -11.74 14.56
CA LEU A 360 -14.78 -10.38 15.10
C LEU A 360 -13.47 -9.57 14.90
N PRO A 361 -12.29 -10.12 15.23
CA PRO A 361 -11.05 -9.35 14.99
C PRO A 361 -10.99 -8.71 13.59
N MET A 362 -11.14 -9.53 12.55
CA MET A 362 -11.12 -9.05 11.19
C MET A 362 -12.21 -8.02 10.91
N LEU A 363 -13.38 -8.16 11.51
CA LEU A 363 -14.32 -7.06 11.46
C LEU A 363 -13.66 -5.81 12.07
N ALA A 364 -13.26 -5.91 13.33
CA ALA A 364 -12.75 -4.76 14.07
C ALA A 364 -11.65 -4.00 13.28
N LEU A 365 -10.66 -4.73 12.79
CA LEU A 365 -9.62 -4.16 11.91
C LEU A 365 -10.18 -3.22 10.81
N GLY A 366 -11.15 -3.71 10.03
CA GLY A 366 -11.83 -2.88 9.04
C GLY A 366 -12.34 -1.59 9.66
N PHE A 367 -13.05 -1.74 10.77
CA PHE A 367 -13.58 -0.59 11.49
C PHE A 367 -12.46 0.28 12.05
N MET A 368 -11.34 -0.34 12.42
CA MET A 368 -10.24 0.43 12.95
C MET A 368 -9.90 1.48 11.89
N ALA A 369 -10.17 1.12 10.63
CA ALA A 369 -9.96 2.03 9.52
C ALA A 369 -10.33 3.46 9.90
N LEU A 370 -11.55 3.60 10.41
CA LEU A 370 -12.13 4.91 10.66
C LEU A 370 -11.26 5.89 11.45
N ARG A 371 -10.27 5.38 12.20
CA ARG A 371 -9.37 6.25 12.98
C ARG A 371 -7.92 5.90 12.73
N ALA A 372 -7.72 4.85 11.95
CA ALA A 372 -6.41 4.26 11.80
C ALA A 372 -5.90 4.49 10.40
N GLY A 373 -6.82 4.37 9.45
CA GLY A 373 -6.44 4.47 8.07
C GLY A 373 -7.47 3.97 7.10
N LEU A 374 -7.32 4.46 5.89
CA LEU A 374 -8.14 4.10 4.77
C LEU A 374 -7.90 2.66 4.35
N ARG A 375 -6.65 2.21 4.52
CA ARG A 375 -6.21 0.95 3.95
C ARG A 375 -6.64 -0.26 4.76
N PHE A 376 -7.42 0.00 5.82
CA PHE A 376 -7.88 -1.07 6.71
C PHE A 376 -9.28 -1.63 6.42
N THR A 377 -10.14 -0.84 5.78
CA THR A 377 -11.46 -1.27 5.40
C THR A 377 -11.44 -2.65 4.76
N ILE A 378 -10.39 -2.91 4.00
CA ILE A 378 -10.12 -4.24 3.40
C ILE A 378 -10.47 -5.42 4.33
N TYR A 379 -9.89 -5.40 5.53
CA TYR A 379 -10.09 -6.44 6.54
C TYR A 379 -11.56 -6.79 6.79
N ALA A 380 -12.45 -5.83 6.59
CA ALA A 380 -13.82 -6.08 6.94
C ALA A 380 -14.68 -6.45 5.75
N VAL A 381 -14.08 -6.56 4.56
CA VAL A 381 -14.84 -7.00 3.38
C VAL A 381 -15.40 -8.41 3.52
N PRO A 382 -14.51 -9.44 3.48
CA PRO A 382 -14.95 -10.84 3.37
C PRO A 382 -15.96 -11.22 4.43
N VAL A 383 -15.68 -10.93 5.70
CA VAL A 383 -16.66 -11.14 6.75
C VAL A 383 -18.01 -10.47 6.44
N MET A 384 -17.97 -9.16 6.21
CA MET A 384 -19.20 -8.44 5.97
C MET A 384 -19.86 -8.92 4.68
N ALA A 385 -19.21 -9.81 3.96
CA ALA A 385 -19.85 -10.39 2.80
C ALA A 385 -20.68 -11.61 3.20
N LEU A 386 -20.09 -12.50 4.00
CA LEU A 386 -20.85 -13.66 4.47
C LEU A 386 -22.11 -13.12 5.14
N GLY A 387 -21.92 -12.12 5.99
CA GLY A 387 -23.03 -11.42 6.61
C GLY A 387 -24.10 -11.18 5.57
N PHE A 388 -23.75 -10.39 4.56
CA PHE A 388 -24.72 -10.10 3.52
C PHE A 388 -25.38 -11.38 3.04
N GLY A 389 -24.60 -12.37 2.65
CA GLY A 389 -25.16 -13.62 2.20
C GLY A 389 -26.20 -14.16 3.15
N TYR A 390 -25.82 -14.27 4.42
CA TYR A 390 -26.73 -14.81 5.39
C TYR A 390 -28.05 -14.07 5.33
N PHE A 391 -28.00 -12.74 5.25
CA PHE A 391 -29.21 -11.91 5.28
C PHE A 391 -30.22 -12.30 4.20
N LEU A 392 -29.72 -12.82 3.09
CA LEU A 392 -30.62 -13.24 2.02
C LEU A 392 -31.33 -14.48 2.52
N TYR A 393 -30.56 -15.49 2.94
CA TYR A 393 -31.11 -16.69 3.59
C TYR A 393 -32.09 -16.22 4.64
N ALA A 394 -31.56 -15.61 5.69
CA ALA A 394 -32.35 -14.86 6.66
C ALA A 394 -33.68 -14.44 6.05
N PHE A 395 -33.62 -13.51 5.10
CA PHE A 395 -34.81 -12.91 4.50
C PHE A 395 -35.74 -13.91 3.82
N PHE A 396 -35.16 -14.76 2.98
CA PHE A 396 -35.95 -15.77 2.27
C PHE A 396 -36.60 -16.72 3.26
N ASN A 397 -36.20 -16.61 4.52
CA ASN A 397 -36.89 -17.30 5.59
C ASN A 397 -38.20 -16.61 5.92
N PHE A 398 -38.13 -15.33 6.30
CA PHE A 398 -39.33 -14.56 6.64
C PHE A 398 -40.46 -15.00 5.73
N LEU A 399 -40.14 -15.17 4.45
CA LEU A 399 -41.12 -15.57 3.47
C LEU A 399 -41.61 -17.01 3.70
N GLU A 400 -40.74 -17.98 3.46
CA GLU A 400 -41.12 -19.39 3.63
C GLU A 400 -41.70 -19.68 5.01
N LYS A 401 -41.24 -18.94 6.03
CA LYS A 401 -41.62 -19.22 7.41
C LYS A 401 -42.72 -18.32 7.97
N LYS A 402 -42.97 -17.18 7.32
CA LYS A 402 -44.15 -16.38 7.64
C LYS A 402 -45.23 -16.75 6.64
N GLN A 403 -45.24 -18.03 6.26
CA GLN A 403 -46.16 -18.57 5.27
C GLN A 403 -46.24 -17.70 4.03
N ILE A 404 -45.47 -18.08 3.02
CA ILE A 404 -45.45 -17.36 1.76
C ILE A 404 -45.05 -18.32 0.65
N LYS A 405 -46.03 -19.03 0.12
CA LYS A 405 -45.83 -19.92 -1.02
C LYS A 405 -44.97 -19.20 -2.06
N LEU A 406 -43.74 -19.67 -2.23
CA LEU A 406 -42.85 -19.14 -3.25
C LEU A 406 -42.22 -20.30 -4.01
N SER A 407 -42.57 -20.45 -5.28
CA SER A 407 -42.06 -21.54 -6.10
C SER A 407 -40.57 -21.38 -6.32
N LEU A 408 -39.96 -22.32 -7.03
CA LEU A 408 -38.50 -22.32 -7.20
C LEU A 408 -38.00 -21.39 -8.32
N ARG A 409 -38.76 -21.32 -9.41
CA ARG A 409 -38.49 -20.35 -10.47
C ARG A 409 -38.39 -18.97 -9.84
N ASN A 410 -39.43 -18.60 -9.10
CA ASN A 410 -39.50 -17.28 -8.49
C ASN A 410 -38.40 -17.03 -7.46
N LYS A 411 -38.16 -18.00 -6.58
CA LYS A 411 -37.10 -17.83 -5.57
C LYS A 411 -35.75 -17.64 -6.24
N ASN A 412 -35.49 -18.41 -7.29
CA ASN A 412 -34.22 -18.30 -7.97
C ASN A 412 -34.06 -16.99 -8.77
N ILE A 413 -35.10 -16.57 -9.48
CA ILE A 413 -35.05 -15.29 -10.16
C ILE A 413 -34.80 -14.19 -9.13
N LEU A 414 -35.54 -14.23 -8.04
CA LEU A 414 -35.39 -13.24 -6.97
C LEU A 414 -33.97 -13.22 -6.41
N LEU A 415 -33.40 -14.39 -6.17
CA LEU A 415 -32.03 -14.42 -5.70
C LEU A 415 -31.08 -13.78 -6.72
N ILE A 416 -31.19 -14.21 -7.98
CA ILE A 416 -30.28 -13.75 -9.02
C ILE A 416 -30.35 -12.24 -9.18
N LEU A 417 -31.56 -11.71 -9.10
CA LEU A 417 -31.71 -10.26 -9.19
C LEU A 417 -31.21 -9.55 -7.94
N ILE A 418 -31.67 -9.90 -6.75
CA ILE A 418 -31.08 -9.33 -5.54
C ILE A 418 -29.54 -9.26 -5.69
N ALA A 419 -28.95 -10.35 -6.18
CA ALA A 419 -27.51 -10.47 -6.34
C ALA A 419 -26.86 -9.53 -7.38
N PHE A 420 -27.31 -9.64 -8.63
CA PHE A 420 -26.76 -8.77 -9.68
C PHE A 420 -26.92 -7.32 -9.24
N PHE A 421 -28.10 -7.01 -8.72
CA PHE A 421 -28.39 -5.70 -8.19
C PHE A 421 -27.30 -5.29 -7.19
N SER A 422 -27.13 -6.01 -6.09
CA SER A 422 -26.13 -5.59 -5.09
C SER A 422 -24.63 -5.60 -5.51
N ILE A 423 -24.27 -6.43 -6.50
CA ILE A 423 -22.90 -6.49 -7.05
C ILE A 423 -22.51 -5.41 -8.12
N SER A 424 -23.51 -5.06 -8.90
CA SER A 424 -23.33 -4.08 -9.96
C SER A 424 -22.63 -2.77 -9.55
N PRO A 425 -22.82 -2.31 -8.31
CA PRO A 425 -22.13 -1.09 -7.87
C PRO A 425 -20.63 -1.26 -7.85
N ALA A 426 -20.21 -2.40 -7.35
CA ALA A 426 -18.81 -2.74 -7.39
C ALA A 426 -18.33 -2.90 -8.83
N LEU A 427 -19.15 -3.59 -9.65
CA LEU A 427 -18.78 -3.57 -11.09
C LEU A 427 -18.48 -2.16 -11.68
N MET A 428 -19.46 -1.26 -11.51
CA MET A 428 -19.43 0.14 -11.92
C MET A 428 -18.15 0.77 -11.42
N HIS A 429 -17.90 0.62 -10.12
CA HIS A 429 -16.68 1.17 -9.55
C HIS A 429 -15.44 0.68 -10.28
N ILE A 430 -15.42 -0.61 -10.61
CA ILE A 430 -14.28 -1.15 -11.34
C ILE A 430 -14.13 -0.52 -12.71
N TYR A 431 -15.26 -0.27 -13.39
CA TYR A 431 -15.21 0.38 -14.71
C TYR A 431 -14.64 1.76 -14.58
N TYR A 432 -15.07 2.45 -13.53
CA TYR A 432 -14.74 3.83 -13.32
C TYR A 432 -13.36 3.97 -12.71
N TYR A 433 -12.80 2.85 -12.25
CA TYR A 433 -11.51 2.88 -11.55
C TYR A 433 -10.31 2.56 -12.46
N LYS A 434 -9.83 3.58 -13.15
CA LYS A 434 -8.78 3.43 -14.17
C LYS A 434 -7.45 4.04 -13.78
N SER A 435 -6.69 3.38 -12.93
CA SER A 435 -5.39 3.92 -12.53
C SER A 435 -4.47 4.04 -13.72
N SER A 436 -3.49 4.92 -13.61
CA SER A 436 -2.38 4.88 -14.52
C SER A 436 -1.36 3.94 -13.89
N THR A 437 -0.11 4.10 -14.25
CA THR A 437 0.91 3.25 -13.71
C THR A 437 1.59 4.06 -12.64
N VAL A 438 2.32 3.40 -11.75
CA VAL A 438 3.23 4.13 -10.87
C VAL A 438 3.90 5.21 -11.71
N PHE A 439 4.53 4.79 -12.79
CA PHE A 439 5.25 5.68 -13.69
C PHE A 439 4.77 5.47 -15.11
N THR A 440 5.13 6.39 -16.00
CA THR A 440 4.87 6.22 -17.41
C THR A 440 6.13 5.69 -18.06
N SER A 441 5.97 4.99 -19.18
CA SER A 441 7.11 4.60 -19.99
C SER A 441 8.20 5.63 -19.87
N TYR A 442 7.93 6.83 -20.36
CA TYR A 442 8.91 7.90 -20.40
C TYR A 442 9.83 7.88 -19.19
N GLU A 443 9.23 7.91 -17.99
CA GLU A 443 9.98 7.96 -16.72
C GLU A 443 10.81 6.69 -16.46
N ALA A 444 10.15 5.54 -16.60
CA ALA A 444 10.84 4.28 -16.55
C ALA A 444 12.10 4.39 -17.38
N SER A 445 11.93 4.44 -18.70
CA SER A 445 13.04 4.41 -19.66
C SER A 445 14.08 5.47 -19.37
N ILE A 446 13.66 6.62 -18.86
CA ILE A 446 14.65 7.60 -18.41
C ILE A 446 15.52 6.93 -17.34
N LEU A 447 14.88 6.26 -16.39
CA LEU A 447 15.62 5.58 -15.32
C LEU A 447 16.50 4.39 -15.78
N ASN A 448 15.93 3.55 -16.64
CA ASN A 448 16.68 2.48 -17.29
C ASN A 448 17.93 3.01 -17.98
N ASP A 449 17.75 4.01 -18.83
CA ASP A 449 18.87 4.74 -19.40
C ASP A 449 19.84 5.13 -18.27
N LEU A 450 19.31 5.60 -17.14
CA LEU A 450 20.17 5.95 -15.98
C LEU A 450 20.98 4.76 -15.46
N LYS A 451 20.46 3.55 -15.62
CA LYS A 451 21.16 2.34 -15.21
C LYS A 451 22.53 2.20 -15.90
N ASN A 452 22.54 2.31 -17.23
CA ASN A 452 23.75 2.14 -18.04
C ASN A 452 24.73 3.31 -17.96
N LYS A 453 24.43 4.30 -17.14
CA LYS A 453 25.31 5.44 -16.96
C LYS A 453 25.93 5.40 -15.57
N ALA A 454 25.24 4.72 -14.66
CA ALA A 454 25.56 4.82 -13.25
C ALA A 454 26.09 3.51 -12.68
N GLN A 455 26.85 3.61 -11.59
CA GLN A 455 27.40 2.43 -10.93
C GLN A 455 26.45 1.89 -9.84
N ARG A 456 26.44 0.57 -9.70
CA ARG A 456 25.48 -0.13 -8.84
C ARG A 456 25.49 0.32 -7.39
N GLU A 457 26.56 0.99 -6.98
CA GLU A 457 26.73 1.43 -5.61
C GLU A 457 26.45 2.95 -5.49
N ASP A 458 26.08 3.57 -6.63
CA ASP A 458 25.82 5.02 -6.71
C ASP A 458 24.51 5.41 -6.06
N TYR A 459 24.51 6.47 -5.27
CA TYR A 459 23.27 6.96 -4.67
C TYR A 459 22.50 7.94 -5.54
N VAL A 460 21.19 7.79 -5.57
CA VAL A 460 20.32 8.76 -6.21
C VAL A 460 19.42 9.49 -5.20
N VAL A 461 19.54 10.80 -5.10
CA VAL A 461 18.63 11.55 -4.24
C VAL A 461 17.37 11.86 -5.03
N ALA A 462 16.23 11.44 -4.49
CA ALA A 462 14.92 11.74 -5.02
C ALA A 462 13.99 11.73 -3.82
N TRP A 463 12.70 11.92 -4.05
CA TRP A 463 11.75 11.84 -2.97
C TRP A 463 11.50 10.35 -2.69
N TRP A 464 10.91 10.00 -1.53
CA TRP A 464 10.62 8.59 -1.17
C TRP A 464 9.50 7.85 -1.97
N ASP A 465 8.49 8.59 -2.45
CA ASP A 465 7.46 8.06 -3.33
C ASP A 465 8.09 7.34 -4.50
N TYR A 466 9.24 7.83 -4.91
CA TYR A 466 9.84 7.40 -6.15
C TYR A 466 10.87 6.28 -5.98
N GLY A 467 11.53 6.28 -4.82
CA GLY A 467 12.66 5.41 -4.51
C GLY A 467 12.63 3.98 -4.99
N TYR A 468 11.53 3.28 -4.73
CA TYR A 468 11.35 1.94 -5.27
C TYR A 468 11.53 1.91 -6.78
N PRO A 469 10.58 2.47 -7.59
CA PRO A 469 10.77 2.57 -9.04
C PRO A 469 12.16 3.01 -9.43
N ILE A 470 12.64 4.14 -8.92
CA ILE A 470 14.01 4.55 -9.21
C ILE A 470 14.94 3.33 -9.14
N ARG A 471 14.78 2.56 -8.07
CA ARG A 471 15.66 1.42 -7.82
C ARG A 471 15.45 0.19 -8.73
N TYR A 472 14.21 -0.17 -9.02
CA TYR A 472 13.94 -1.33 -9.81
C TYR A 472 14.38 -1.05 -11.22
N TYR A 473 14.20 0.19 -11.64
CA TYR A 473 14.54 0.57 -13.00
C TYR A 473 16.02 0.90 -13.21
N SER A 474 16.71 1.33 -12.14
CA SER A 474 18.11 1.74 -12.26
C SER A 474 19.14 0.88 -11.53
N ASP A 475 18.70 0.01 -10.63
CA ASP A 475 19.61 -0.84 -9.86
C ASP A 475 20.55 0.00 -8.98
N VAL A 476 20.29 1.30 -8.95
CA VAL A 476 21.04 2.21 -8.08
C VAL A 476 20.62 2.11 -6.59
N LYS A 477 21.31 2.84 -5.71
CA LYS A 477 20.90 2.94 -4.31
C LYS A 477 20.19 4.28 -4.11
N THR A 478 19.20 4.30 -3.20
CA THR A 478 18.46 5.53 -2.91
C THR A 478 18.54 5.89 -1.42
N LEU A 479 18.24 7.14 -1.10
CA LEU A 479 18.35 7.59 0.27
C LEU A 479 17.14 7.15 1.07
N ILE A 480 15.97 7.26 0.45
CA ILE A 480 14.72 6.94 1.14
C ILE A 480 13.72 6.30 0.19
N ASP A 481 13.02 5.28 0.67
CA ASP A 481 11.96 4.63 -0.08
C ASP A 481 10.65 4.52 0.73
N GLY A 482 9.60 4.06 0.07
CA GLY A 482 8.29 3.89 0.70
C GLY A 482 8.30 3.03 1.95
N GLY A 483 9.47 2.53 2.31
CA GLY A 483 9.64 1.74 3.52
C GLY A 483 10.49 2.52 4.49
N LYS A 484 11.59 3.09 3.99
CA LYS A 484 12.47 3.97 4.77
C LYS A 484 12.05 5.41 4.53
N HIS A 485 11.06 5.89 5.27
CA HIS A 485 10.52 7.21 4.99
C HIS A 485 9.97 7.90 6.23
N LEU A 486 10.74 7.85 7.33
CA LEU A 486 10.41 8.65 8.51
C LEU A 486 10.80 10.11 8.28
N GLY A 487 10.23 11.02 9.08
CA GLY A 487 10.60 12.42 9.02
C GLY A 487 12.11 12.63 8.98
N LYS A 488 12.81 11.91 9.87
CA LYS A 488 14.27 11.91 9.95
C LYS A 488 14.92 11.48 8.62
N ASP A 489 14.32 10.54 7.89
CA ASP A 489 14.93 10.08 6.64
C ASP A 489 14.53 10.98 5.49
N ASN A 490 13.26 11.34 5.44
CA ASN A 490 12.79 12.31 4.47
C ASN A 490 13.49 13.67 4.55
N PHE A 491 14.06 14.01 5.70
CA PHE A 491 14.67 15.34 5.85
C PHE A 491 15.69 15.69 4.78
N PHE A 492 16.63 14.79 4.55
CA PHE A 492 17.67 15.01 3.54
C PHE A 492 17.14 15.19 2.11
N SER A 493 16.51 14.16 1.56
CA SER A 493 15.91 14.31 0.23
C SER A 493 14.99 15.55 0.10
N SER A 494 14.31 15.91 1.20
CA SER A 494 13.53 17.14 1.23
C SER A 494 14.45 18.32 0.99
N PHE A 495 15.50 18.39 1.80
CA PHE A 495 16.43 19.50 1.79
C PHE A 495 17.10 19.70 0.42
N VAL A 496 17.73 18.65 -0.09
CA VAL A 496 18.41 18.70 -1.39
C VAL A 496 17.52 19.20 -2.51
N LEU A 497 16.22 19.02 -2.35
CA LEU A 497 15.25 19.36 -3.36
C LEU A 497 14.50 20.65 -3.14
N SER A 498 14.51 21.20 -1.93
CA SER A 498 13.70 22.40 -1.69
C SER A 498 14.48 23.60 -1.17
N LYS A 499 15.67 23.37 -0.66
CA LYS A 499 16.49 24.46 -0.21
C LYS A 499 17.17 25.05 -1.45
N GLU A 500 18.02 26.06 -1.23
CA GLU A 500 18.72 26.70 -2.33
C GLU A 500 19.74 25.76 -3.03
N GLN A 501 19.99 26.03 -4.31
CA GLN A 501 20.85 25.18 -5.12
C GLN A 501 22.12 24.72 -4.44
N ILE A 502 22.94 25.67 -4.00
CA ILE A 502 24.26 25.33 -3.46
C ILE A 502 24.16 24.39 -2.26
N PRO A 503 23.48 24.83 -1.18
CA PRO A 503 23.36 23.98 0.00
C PRO A 503 22.75 22.63 -0.35
N ALA A 504 21.78 22.61 -1.25
CA ALA A 504 21.22 21.36 -1.74
C ALA A 504 22.35 20.46 -2.19
N ALA A 505 23.13 21.01 -3.13
CA ALA A 505 24.26 20.32 -3.69
C ALA A 505 25.18 19.82 -2.59
N ASN A 506 25.21 20.51 -1.45
CA ASN A 506 25.99 19.98 -0.31
C ASN A 506 25.38 18.82 0.51
N MET A 507 24.11 18.98 0.90
CA MET A 507 23.35 17.86 1.44
C MET A 507 23.64 16.69 0.53
N ALA A 508 23.10 16.67 -0.68
CA ALA A 508 23.29 15.48 -1.51
C ALA A 508 24.56 14.69 -1.10
N ARG A 509 25.73 15.27 -1.32
CA ARG A 509 27.01 14.70 -0.87
C ARG A 509 27.01 14.18 0.58
N LEU A 510 26.86 15.10 1.55
CA LEU A 510 26.90 14.67 2.95
C LEU A 510 25.83 13.66 3.43
N SER A 511 24.60 13.79 2.94
CA SER A 511 23.53 12.84 3.25
C SER A 511 23.81 11.48 2.65
N VAL A 512 24.30 11.43 1.42
CA VAL A 512 24.59 10.11 0.90
C VAL A 512 25.77 9.48 1.64
N GLU A 513 26.85 10.23 1.78
CA GLU A 513 27.99 9.68 2.48
C GLU A 513 27.65 9.20 3.89
N TYR A 514 26.99 10.06 4.66
CA TYR A 514 26.62 9.75 6.05
C TYR A 514 25.54 8.68 6.16
N THR A 515 24.73 8.53 5.12
CA THR A 515 23.78 7.42 5.07
C THR A 515 24.53 6.12 4.84
N GLU A 516 25.60 6.17 4.06
CA GLU A 516 26.42 4.99 3.89
C GLU A 516 27.25 4.71 5.14
N LYS A 517 27.52 5.74 5.94
CA LYS A 517 28.22 5.52 7.22
C LYS A 517 27.29 4.97 8.32
N SER A 518 26.03 5.36 8.28
CA SER A 518 25.05 4.83 9.23
C SER A 518 25.06 3.32 9.22
N PHE A 519 25.57 2.76 8.13
CA PHE A 519 25.47 1.32 7.87
C PHE A 519 26.54 0.55 8.60
N LYS A 520 27.57 1.25 9.05
CA LYS A 520 28.59 0.65 9.90
C LYS A 520 28.54 1.21 11.30
N GLU A 521 28.62 2.54 11.42
CA GLU A 521 28.67 3.15 12.76
C GLU A 521 27.31 3.28 13.46
N ASN A 522 26.25 2.89 12.76
CA ASN A 522 24.92 2.79 13.35
C ASN A 522 24.38 4.04 14.02
N TYR A 523 24.40 5.15 13.28
CA TYR A 523 23.89 6.42 13.79
C TYR A 523 22.39 6.28 14.06
N PRO A 524 21.97 6.62 15.28
CA PRO A 524 20.53 6.60 15.59
C PRO A 524 19.90 7.84 14.97
N ASP A 525 20.72 8.85 14.76
CA ASP A 525 20.28 10.11 14.18
C ASP A 525 21.41 10.62 13.29
N VAL A 526 21.24 10.41 11.98
CA VAL A 526 22.26 10.76 10.98
C VAL A 526 22.63 12.23 10.97
N LEU A 527 21.61 13.07 10.84
CA LEU A 527 21.80 14.52 10.93
C LEU A 527 22.64 14.93 12.15
N LYS A 528 22.21 14.50 13.34
CA LYS A 528 22.98 14.68 14.58
C LYS A 528 24.42 14.20 14.41
N ALA A 529 24.62 13.10 13.68
CA ALA A 529 25.97 12.61 13.38
C ALA A 529 26.78 13.66 12.66
N MET A 530 26.24 14.12 11.54
CA MET A 530 26.92 15.16 10.78
C MET A 530 27.27 16.31 11.69
N VAL A 531 26.27 16.79 12.44
CA VAL A 531 26.47 17.93 13.35
C VAL A 531 27.64 17.71 14.32
N LYS A 532 27.58 16.66 15.14
CA LYS A 532 28.64 16.34 16.08
C LYS A 532 29.98 16.11 15.36
N ASP A 533 29.91 15.87 14.05
CA ASP A 533 31.12 15.65 13.27
C ASP A 533 31.57 16.90 12.51
N TYR A 534 30.87 18.02 12.71
CA TYR A 534 31.33 19.31 12.22
C TYR A 534 31.39 20.40 13.30
N ASN A 535 31.50 19.97 14.55
CA ASN A 535 31.67 20.90 15.67
C ASN A 535 30.80 22.14 15.52
N GLN A 536 29.52 21.93 15.23
CA GLN A 536 28.49 22.96 15.26
C GLN A 536 27.58 22.76 16.50
N THR A 537 27.26 23.85 17.19
CA THR A 537 26.53 23.78 18.47
C THR A 537 25.03 23.45 18.32
N SER A 538 24.45 23.84 17.18
CA SER A 538 23.06 23.49 16.89
C SER A 538 22.91 22.96 15.46
N ALA A 539 21.70 22.95 14.94
CA ALA A 539 21.48 22.37 13.64
C ALA A 539 21.17 23.43 12.59
N LYS A 540 20.73 24.61 13.03
CA LYS A 540 20.53 25.74 12.13
C LYS A 540 21.88 26.38 11.79
N ASP A 541 22.87 26.18 12.67
CA ASP A 541 24.20 26.70 12.43
C ASP A 541 24.90 25.77 11.44
N PHE A 542 24.58 24.48 11.51
CA PHE A 542 25.08 23.52 10.54
C PHE A 542 24.48 23.74 9.15
N LEU A 543 23.17 23.88 9.11
CA LEU A 543 22.47 23.98 7.86
C LEU A 543 22.59 25.36 7.21
N GLU A 544 22.69 26.43 7.99
CA GLU A 544 22.90 27.74 7.40
C GLU A 544 24.33 27.80 6.91
N SER A 545 24.98 26.64 6.93
CA SER A 545 26.41 26.51 6.67
C SER A 545 26.73 25.61 5.46
N LEU A 546 25.68 25.08 4.82
CA LEU A 546 25.85 24.35 3.58
C LEU A 546 25.66 25.32 2.44
N ASN A 547 25.61 26.60 2.79
CA ASN A 547 25.44 27.66 1.81
C ASN A 547 26.74 27.98 1.09
N ASP A 548 27.78 28.25 1.86
CA ASP A 548 29.03 28.78 1.30
C ASP A 548 29.77 27.79 0.39
N LYS A 549 29.51 27.89 -0.92
CA LYS A 549 30.06 27.05 -1.98
C LYS A 549 31.47 26.47 -1.76
N ASN A 550 32.29 27.19 -0.98
CA ASN A 550 33.59 26.68 -0.55
C ASN A 550 33.43 25.96 0.80
N PHE A 551 33.23 24.65 0.72
CA PHE A 551 32.85 23.86 1.89
C PHE A 551 33.92 22.85 2.28
N LYS A 552 34.37 22.89 3.54
CA LYS A 552 35.37 21.93 4.02
C LYS A 552 34.82 20.51 3.81
N PHE A 553 35.70 19.54 3.60
CA PHE A 553 35.21 18.18 3.46
C PHE A 553 36.08 17.16 4.21
N ASP A 554 35.76 17.00 5.50
CA ASP A 554 36.46 16.06 6.38
C ASP A 554 36.02 14.63 6.11
N THR A 555 34.91 14.47 5.39
CA THR A 555 34.36 13.14 5.05
C THR A 555 34.52 12.82 3.56
N ASN A 556 35.03 11.63 3.26
CA ASN A 556 35.48 11.33 1.90
C ASN A 556 34.37 11.00 0.88
N LYS A 557 34.72 11.17 -0.40
CA LYS A 557 33.86 10.86 -1.55
C LYS A 557 34.02 9.41 -1.98
N THR A 558 32.94 8.63 -1.87
CA THR A 558 32.99 7.17 -2.06
C THR A 558 32.27 6.64 -3.33
N ARG A 559 31.34 7.44 -3.83
CA ARG A 559 30.50 7.06 -4.97
C ARG A 559 29.85 8.33 -5.54
N ASP A 560 29.43 8.31 -6.80
CA ASP A 560 28.80 9.48 -7.41
C ASP A 560 27.32 9.62 -7.02
N VAL A 561 26.86 10.86 -6.79
CA VAL A 561 25.50 11.10 -6.33
C VAL A 561 24.68 11.77 -7.42
N TYR A 562 23.42 11.37 -7.58
CA TYR A 562 22.55 12.03 -8.55
C TYR A 562 21.38 12.76 -7.90
N ILE A 563 20.53 13.36 -8.72
CA ILE A 563 19.28 13.95 -8.25
C ILE A 563 18.27 13.89 -9.38
N TYR A 564 17.17 13.19 -9.12
CA TYR A 564 16.10 12.98 -10.08
C TYR A 564 15.00 14.01 -9.83
N MET A 565 14.66 14.78 -10.86
CA MET A 565 13.66 15.84 -10.73
C MET A 565 12.68 15.86 -11.88
N PRO A 566 11.60 15.09 -11.75
CA PRO A 566 10.54 14.74 -12.71
C PRO A 566 9.37 15.66 -12.58
N TYR A 567 8.58 15.83 -13.65
CA TYR A 567 7.54 16.83 -13.59
C TYR A 567 6.56 16.40 -12.54
N ARG A 568 6.31 15.10 -12.49
CA ARG A 568 5.30 14.58 -11.57
C ARG A 568 5.40 15.12 -10.13
N MET A 569 6.62 15.32 -9.62
CA MET A 569 6.77 15.76 -8.24
C MET A 569 6.27 17.16 -7.99
N LEU A 570 5.64 17.82 -8.97
CA LEU A 570 5.22 19.21 -8.75
C LEU A 570 4.06 19.30 -7.79
N ARG A 571 3.02 18.47 -7.95
CA ARG A 571 1.83 18.58 -7.11
C ARG A 571 2.14 18.46 -5.62
N ILE A 572 3.27 17.82 -5.35
CA ILE A 572 3.80 17.46 -4.03
C ILE A 572 4.84 18.45 -3.45
N MET A 573 5.36 19.35 -4.26
CA MET A 573 6.36 20.30 -3.77
C MET A 573 6.06 20.92 -2.38
N PRO A 574 4.80 21.31 -2.11
CA PRO A 574 4.49 21.82 -0.77
C PRO A 574 4.79 20.78 0.30
N VAL A 575 4.12 19.64 0.17
CA VAL A 575 4.25 18.51 1.07
C VAL A 575 5.69 18.04 1.25
N VAL A 576 6.45 18.00 0.17
CA VAL A 576 7.85 17.65 0.26
C VAL A 576 8.68 18.69 1.01
N ALA A 577 8.42 19.95 0.72
CA ALA A 577 9.17 21.03 1.36
C ALA A 577 8.92 21.10 2.85
N GLN A 578 7.69 20.80 3.26
CA GLN A 578 7.35 20.90 4.69
C GLN A 578 8.42 20.28 5.58
N PHE A 579 8.95 19.13 5.17
CA PHE A 579 9.85 18.35 6.00
C PHE A 579 11.16 19.04 6.35
N ALA A 580 11.77 19.73 5.38
CA ALA A 580 12.98 20.50 5.64
C ALA A 580 12.56 21.83 6.25
N ASN A 581 11.35 22.26 5.93
CA ASN A 581 10.81 23.44 6.59
C ASN A 581 10.75 23.26 8.11
N THR A 582 10.71 22.01 8.54
CA THR A 582 10.59 21.70 9.96
C THR A 582 11.94 21.59 10.62
N ASN A 583 12.33 22.65 11.33
CA ASN A 583 13.69 22.76 11.87
C ASN A 583 14.08 21.66 12.87
N PRO A 584 14.99 20.77 12.45
CA PRO A 584 15.37 19.60 13.23
C PRO A 584 15.68 19.91 14.69
N ASP A 585 15.96 21.17 14.99
CA ASP A 585 16.31 21.56 16.35
C ASP A 585 15.10 21.67 17.26
N ASN A 586 13.95 22.02 16.69
CA ASN A 586 12.81 22.38 17.52
C ASN A 586 11.40 22.15 16.99
N GLY A 587 11.23 21.20 16.07
CA GLY A 587 9.91 20.88 15.53
C GLY A 587 9.24 21.97 14.68
N GLU A 588 9.56 23.23 15.00
CA GLU A 588 8.86 24.38 14.40
C GLU A 588 9.03 24.46 12.90
N GLN A 589 8.01 24.96 12.22
CA GLN A 589 8.11 25.16 10.78
C GLN A 589 8.78 26.48 10.55
N GLU A 590 9.88 26.45 9.81
CA GLU A 590 10.62 27.66 9.48
C GLU A 590 9.70 28.67 8.80
N LYS A 591 9.58 28.60 7.46
CA LYS A 591 8.91 29.64 6.68
C LYS A 591 7.39 29.48 6.53
N SER A 592 6.81 30.24 5.62
CA SER A 592 5.35 30.27 5.45
C SER A 592 4.86 29.18 4.51
N LEU A 593 5.55 29.03 3.38
CA LEU A 593 5.19 28.07 2.34
C LEU A 593 3.81 28.29 1.72
N PHE A 594 3.78 29.10 0.67
CA PHE A 594 2.59 29.33 -0.13
C PHE A 594 2.92 28.77 -1.48
N PHE A 595 2.16 27.78 -1.94
CA PHE A 595 2.41 27.12 -3.22
C PHE A 595 1.14 26.54 -3.79
N SER A 596 1.02 26.44 -5.10
CA SER A 596 -0.15 25.76 -5.68
C SER A 596 -0.12 25.60 -7.18
N GLN A 597 -0.34 24.38 -7.66
CA GLN A 597 -0.41 24.12 -9.10
C GLN A 597 -1.82 23.79 -9.55
N ALA A 598 -2.31 24.51 -10.56
CA ALA A 598 -3.68 24.30 -10.99
C ALA A 598 -3.84 24.66 -12.46
N ASN A 599 -5.03 24.42 -13.00
CA ASN A 599 -5.29 24.67 -14.40
C ASN A 599 -6.29 25.79 -14.65
N ALA A 600 -6.40 26.19 -15.92
CA ALA A 600 -7.28 27.27 -16.30
C ALA A 600 -8.66 26.76 -16.67
N ILE A 601 -9.70 27.53 -16.36
CA ILE A 601 -11.05 27.13 -16.75
C ILE A 601 -11.83 28.17 -17.57
N ALA A 602 -11.55 29.44 -17.32
CA ALA A 602 -12.30 30.53 -17.95
C ALA A 602 -11.46 31.79 -18.18
N GLN A 603 -11.81 32.55 -19.20
CA GLN A 603 -11.15 33.83 -19.47
C GLN A 603 -12.10 34.80 -20.18
N ASP A 604 -11.98 36.09 -19.87
CA ASP A 604 -12.81 37.13 -20.50
C ASP A 604 -12.00 37.93 -21.52
N GLY A 608 -9.94 40.25 -18.32
CA GLY A 608 -9.17 39.03 -18.48
C GLY A 608 -9.15 38.16 -17.23
N SER A 609 -10.32 37.99 -16.63
CA SER A 609 -10.47 37.25 -15.36
C SER A 609 -10.36 35.73 -15.57
N VAL A 610 -9.29 35.12 -15.07
CA VAL A 610 -9.09 33.68 -15.24
C VAL A 610 -9.34 32.87 -13.98
N MET A 611 -10.25 31.92 -14.04
CA MET A 611 -10.57 31.13 -12.86
C MET A 611 -9.64 29.90 -12.70
N LEU A 612 -9.19 29.64 -11.48
CA LEU A 612 -8.37 28.47 -11.22
C LEU A 612 -9.06 27.54 -10.22
N ASP A 613 -9.00 26.24 -10.50
CA ASP A 613 -9.58 25.19 -9.65
C ASP A 613 -9.74 25.60 -8.20
N ASN A 614 -8.61 25.88 -7.57
CA ASN A 614 -8.56 26.19 -6.14
C ASN A 614 -9.26 27.45 -5.66
N GLY A 615 -9.95 28.12 -6.60
CA GLY A 615 -10.76 29.28 -6.29
C GLY A 615 -9.98 30.58 -6.40
N VAL A 616 -8.81 30.48 -7.02
CA VAL A 616 -7.89 31.58 -7.17
C VAL A 616 -8.12 32.15 -8.53
N GLU A 617 -8.20 33.46 -8.65
CA GLU A 617 -8.28 34.02 -9.99
C GLU A 617 -7.04 34.80 -10.38
N ILE A 618 -6.90 34.98 -11.69
CA ILE A 618 -5.88 35.85 -12.26
C ILE A 618 -6.62 37.06 -12.83
N ILE A 619 -6.35 38.24 -12.30
CA ILE A 619 -7.00 39.44 -12.80
C ILE A 619 -6.03 40.57 -13.18
N ASN A 620 -6.62 41.71 -13.60
CA ASN A 620 -5.91 42.76 -14.35
C ASN A 620 -4.60 42.34 -15.01
N ASP A 621 -4.70 41.78 -16.21
CA ASP A 621 -3.54 41.40 -17.03
C ASP A 621 -2.43 40.74 -16.24
N PHE A 622 -2.69 39.53 -15.73
CA PHE A 622 -1.67 38.75 -15.02
C PHE A 622 -0.82 39.57 -14.04
N ARG A 623 -1.47 40.32 -13.15
CA ARG A 623 -0.75 41.08 -12.13
C ARG A 623 -1.17 40.70 -10.71
N ALA A 624 -2.41 40.31 -10.53
CA ALA A 624 -2.92 40.07 -9.19
C ALA A 624 -3.88 38.89 -9.13
N LEU A 625 -3.82 38.17 -8.01
CA LEU A 625 -4.63 36.97 -7.82
C LEU A 625 -5.77 37.19 -6.84
N LYS A 626 -6.98 36.70 -7.15
CA LYS A 626 -8.10 36.71 -6.20
C LYS A 626 -8.15 35.37 -5.47
N VAL A 627 -7.49 35.35 -4.31
CA VAL A 627 -7.27 34.16 -3.49
C VAL A 627 -8.23 34.14 -2.28
N GLU A 628 -9.50 33.87 -2.55
CA GLU A 628 -10.54 33.85 -1.52
C GLU A 628 -11.06 35.24 -1.13
N GLY A 629 -11.17 36.13 -2.13
CA GLY A 629 -11.63 37.48 -1.94
C GLY A 629 -10.48 38.45 -1.89
N ALA A 630 -9.31 37.94 -1.54
CA ALA A 630 -8.10 38.74 -1.38
C ALA A 630 -7.38 38.96 -2.71
N SER A 631 -7.25 40.22 -3.13
CA SER A 631 -6.44 40.52 -4.30
C SER A 631 -4.98 40.58 -3.87
N ILE A 632 -4.10 40.06 -4.71
CA ILE A 632 -2.67 40.03 -4.38
C ILE A 632 -1.77 40.39 -5.54
N PRO A 633 -0.75 41.19 -5.24
CA PRO A 633 0.29 41.65 -6.15
C PRO A 633 1.25 40.54 -6.50
N LEU A 634 1.52 40.35 -7.79
CA LEU A 634 2.49 39.35 -8.22
C LEU A 634 3.87 39.96 -8.26
N LYS A 635 4.78 39.46 -7.45
CA LYS A 635 6.15 39.94 -7.49
C LYS A 635 6.66 39.83 -8.90
N ALA A 636 6.01 38.97 -9.68
CA ALA A 636 6.38 38.80 -11.06
C ALA A 636 5.49 37.74 -11.65
N PHE A 637 5.70 37.48 -12.94
CA PHE A 637 5.03 36.41 -13.64
C PHE A 637 6.07 35.83 -14.56
N VAL A 638 6.36 34.54 -14.37
CA VAL A 638 7.31 33.86 -15.24
C VAL A 638 6.56 33.01 -16.26
N ASP A 639 7.02 33.05 -17.50
CA ASP A 639 6.34 32.43 -18.62
C ASP A 639 7.31 31.44 -19.23
N ILE A 640 7.23 30.17 -18.86
CA ILE A 640 8.22 29.20 -19.33
C ILE A 640 7.77 28.44 -20.57
N GLU A 641 8.57 28.53 -21.63
CA GLU A 641 8.18 28.00 -22.92
C GLU A 641 9.03 26.81 -23.35
N SER A 642 10.19 26.62 -22.72
CA SER A 642 11.02 25.45 -23.03
C SER A 642 11.81 24.96 -21.81
N ILE A 643 11.24 23.98 -21.10
CA ILE A 643 11.86 23.43 -19.89
C ILE A 643 13.19 22.77 -20.23
N THR A 644 13.23 22.18 -21.41
CA THR A 644 14.38 21.45 -21.87
C THR A 644 15.53 22.42 -22.09
N ASN A 645 15.22 23.58 -22.70
CA ASN A 645 16.24 24.55 -23.17
C ASN A 645 16.52 25.72 -22.23
N GLY A 646 15.51 26.10 -21.45
CA GLY A 646 15.68 27.10 -20.42
C GLY A 646 15.05 28.43 -20.82
N LYS A 647 14.17 28.37 -21.80
CA LYS A 647 13.63 29.56 -22.45
C LYS A 647 12.35 30.03 -21.78
N PHE A 648 12.49 31.13 -21.02
CA PHE A 648 11.36 31.81 -20.35
C PHE A 648 11.48 33.34 -20.38
N TYR A 649 10.37 34.01 -20.10
CA TYR A 649 10.35 35.46 -20.06
C TYR A 649 9.92 35.92 -18.67
N TYR A 650 10.88 36.37 -17.88
CA TYR A 650 10.63 36.86 -16.54
C TYR A 650 10.00 38.26 -16.55
N ASN A 651 8.67 38.33 -16.46
CA ASN A 651 7.94 39.60 -16.35
C ASN A 651 7.97 40.22 -14.95
N GLU A 652 8.49 41.43 -14.80
CA GLU A 652 8.60 42.00 -13.47
C GLU A 652 7.37 42.83 -13.09
N ILE A 653 6.75 42.52 -11.95
CA ILE A 653 5.66 43.34 -11.39
C ILE A 653 5.91 43.58 -9.92
N ASP A 654 5.30 44.61 -9.36
CA ASP A 654 5.45 44.93 -7.92
C ASP A 654 6.73 44.37 -7.33
N SER A 655 7.82 45.09 -7.53
CA SER A 655 9.13 44.66 -7.09
C SER A 655 9.11 44.37 -5.61
N LYS A 656 8.10 44.90 -4.94
CA LYS A 656 7.98 44.77 -3.50
C LYS A 656 6.92 43.77 -3.02
N ALA A 657 6.74 42.68 -3.74
CA ALA A 657 5.79 41.63 -3.35
C ALA A 657 6.48 40.30 -3.09
N GLN A 658 5.71 39.25 -2.87
CA GLN A 658 6.30 37.96 -2.57
C GLN A 658 5.81 36.75 -3.39
N ILE A 659 4.78 36.92 -4.20
CA ILE A 659 4.17 35.77 -4.86
C ILE A 659 4.43 35.64 -6.36
N TYR A 660 5.08 34.56 -6.79
CA TYR A 660 5.40 34.41 -8.22
C TYR A 660 4.33 33.59 -8.94
N LEU A 661 3.90 34.04 -10.11
CA LEU A 661 3.01 33.21 -10.92
C LEU A 661 3.80 32.61 -12.09
N LEU A 662 3.69 31.30 -12.29
CA LEU A 662 4.34 30.65 -13.42
C LEU A 662 3.33 30.03 -14.34
N PHE A 663 3.71 29.92 -15.61
CA PHE A 663 2.94 29.18 -16.60
C PHE A 663 3.86 28.27 -17.37
N LEU A 664 3.52 27.00 -17.36
CA LEU A 664 4.18 25.97 -18.13
C LEU A 664 3.34 25.75 -19.37
N ARG A 665 3.81 26.21 -20.53
CA ARG A 665 2.98 26.21 -21.75
C ARG A 665 2.98 24.83 -22.37
N GLU A 666 4.03 24.07 -22.05
CA GLU A 666 4.14 22.72 -22.54
C GLU A 666 3.18 21.79 -21.81
N TYR A 667 2.73 22.19 -20.63
CA TYR A 667 1.75 21.40 -19.86
C TYR A 667 0.46 22.17 -19.64
N LYS A 668 0.30 23.30 -20.33
CA LYS A 668 -0.81 24.22 -20.10
C LYS A 668 -1.17 24.29 -18.63
N SER A 669 -0.16 24.44 -17.78
CA SER A 669 -0.41 24.40 -16.33
C SER A 669 0.15 25.61 -15.57
N PHE A 670 -0.64 26.10 -14.63
CA PHE A 670 -0.26 27.26 -13.83
C PHE A 670 0.32 26.85 -12.51
N VAL A 671 1.29 27.63 -12.05
CA VAL A 671 1.91 27.44 -10.75
C VAL A 671 1.92 28.75 -9.96
N ILE A 672 1.95 28.64 -8.64
CA ILE A 672 1.91 29.81 -7.77
C ILE A 672 2.89 29.59 -6.61
N LEU A 673 4.01 30.32 -6.61
CA LEU A 673 5.05 30.10 -5.60
C LEU A 673 5.29 31.28 -4.67
N ASP A 674 6.10 31.05 -3.66
CA ASP A 674 6.69 32.13 -2.88
C ASP A 674 8.20 32.12 -3.13
N GLU A 675 8.85 33.26 -2.89
CA GLU A 675 10.26 33.42 -3.24
C GLU A 675 11.12 32.18 -3.02
N SER A 676 10.95 31.54 -1.87
CA SER A 676 11.86 30.45 -1.48
C SER A 676 11.58 29.13 -2.20
N LEU A 677 10.35 28.98 -2.68
CA LEU A 677 10.03 27.83 -3.53
C LEU A 677 10.43 28.15 -4.98
N TYR A 678 10.22 29.40 -5.39
CA TYR A 678 10.81 29.88 -6.63
C TYR A 678 12.32 29.60 -6.66
N ASN A 679 12.98 29.64 -5.51
CA ASN A 679 14.45 29.47 -5.48
C ASN A 679 14.94 28.07 -5.08
N SER A 680 14.00 27.20 -4.74
CA SER A 680 14.30 25.82 -4.41
C SER A 680 14.95 25.11 -5.59
N ALA A 681 16.01 24.35 -5.31
CA ALA A 681 16.77 23.68 -6.37
C ALA A 681 15.91 22.98 -7.42
N TYR A 682 14.70 22.59 -7.05
CA TYR A 682 13.85 21.90 -7.99
C TYR A 682 13.26 22.87 -8.99
N ILE A 683 12.52 23.87 -8.51
CA ILE A 683 11.92 24.84 -9.43
C ILE A 683 13.00 25.53 -10.24
N GLN A 684 14.15 25.72 -9.63
CA GLN A 684 15.25 26.39 -10.29
C GLN A 684 15.84 25.52 -11.39
N MET A 685 16.22 24.29 -11.03
CA MET A 685 16.93 23.40 -11.93
C MET A 685 16.06 22.60 -12.88
N PHE A 686 14.77 22.53 -12.62
CA PHE A 686 13.90 21.78 -13.51
C PHE A 686 13.09 22.72 -14.40
N LEU A 687 12.18 23.47 -13.79
CA LEU A 687 11.33 24.38 -14.53
C LEU A 687 12.07 25.47 -15.31
N LEU A 688 13.18 25.96 -14.77
CA LEU A 688 13.91 27.08 -15.36
C LEU A 688 15.23 26.62 -15.98
N ASN A 689 15.56 25.36 -15.77
CA ASN A 689 16.78 24.77 -16.31
C ASN A 689 18.07 25.54 -16.04
N GLN A 690 18.17 26.19 -14.89
CA GLN A 690 19.40 26.88 -14.51
C GLN A 690 20.11 26.25 -13.32
N TYR A 691 21.38 25.89 -13.51
CA TYR A 691 22.09 25.17 -12.48
C TYR A 691 23.59 25.44 -12.46
N ASP A 692 24.12 25.70 -11.26
CA ASP A 692 25.53 26.00 -11.06
C ASP A 692 26.43 24.90 -11.61
N GLN A 693 27.10 25.19 -12.73
CA GLN A 693 27.80 24.18 -13.51
C GLN A 693 29.09 23.62 -12.89
N ASP A 694 29.56 24.26 -11.82
CA ASP A 694 30.73 23.77 -11.09
C ASP A 694 30.31 22.89 -9.92
N LEU A 695 29.00 22.60 -9.83
CA LEU A 695 28.43 21.75 -8.79
C LEU A 695 27.76 20.52 -9.39
N PHE A 696 26.99 20.76 -10.44
CA PHE A 696 26.20 19.72 -11.07
C PHE A 696 26.67 19.40 -12.51
N GLU A 697 25.94 18.50 -13.14
CA GLU A 697 26.07 18.22 -14.56
C GLU A 697 24.68 17.69 -14.88
N GLN A 698 24.05 18.20 -15.93
CA GLN A 698 22.70 17.76 -16.24
C GLN A 698 22.79 16.47 -17.02
N VAL A 699 22.84 15.36 -16.29
CA VAL A 699 22.93 14.05 -16.91
C VAL A 699 21.76 13.80 -17.83
N THR A 700 20.54 14.04 -17.37
CA THR A 700 19.42 13.78 -18.29
C THR A 700 18.49 14.99 -18.36
N ASN A 701 17.92 15.25 -19.53
CA ASN A 701 17.03 16.39 -19.74
C ASN A 701 15.81 16.04 -20.57
N ASP A 702 14.63 16.06 -19.96
CA ASP A 702 13.40 15.78 -20.68
C ASP A 702 12.30 16.65 -20.08
N THR A 703 11.36 17.08 -20.90
CA THR A 703 10.19 17.78 -20.41
C THR A 703 9.50 17.04 -19.25
N ARG A 704 9.81 15.75 -19.14
CA ARG A 704 9.18 14.86 -18.19
C ARG A 704 9.98 14.75 -16.91
N ALA A 705 11.28 15.00 -17.01
CA ALA A 705 12.16 14.85 -15.85
C ALA A 705 13.60 15.17 -16.18
N LYS A 706 14.37 15.56 -15.17
CA LYS A 706 15.80 15.80 -15.35
C LYS A 706 16.58 14.99 -14.37
N ILE A 707 17.87 14.87 -14.60
CA ILE A 707 18.71 14.19 -13.63
C ILE A 707 20.03 14.91 -13.61
N TYR A 708 20.48 15.31 -12.42
CA TYR A 708 21.77 15.96 -12.32
C TYR A 708 22.69 15.09 -11.52
N ARG A 709 23.99 15.41 -11.52
CA ARG A 709 24.98 14.63 -10.78
C ARG A 709 25.97 15.55 -10.08
N LEU A 710 26.46 15.16 -8.90
CA LEU A 710 27.38 16.02 -8.19
C LEU A 710 28.75 15.83 -8.79
N LYS A 711 29.57 16.89 -8.82
CA LYS A 711 30.96 16.77 -9.31
C LYS A 711 32.02 16.75 -8.18
N GLY B 1 -5.60 7.05 -4.22
CA GLY B 1 -5.86 6.98 -2.80
C GLY B 1 -5.16 5.82 -2.10
N ASP B 2 -5.44 4.60 -2.54
CA ASP B 2 -4.84 3.41 -1.95
C ASP B 2 -3.35 3.15 -2.12
N GLN B 3 -2.53 4.15 -2.43
CA GLN B 3 -1.14 3.84 -2.72
C GLN B 3 -0.15 4.52 -1.78
N ASN B 4 0.96 3.83 -1.49
CA ASN B 4 1.97 4.33 -0.59
C ASN B 4 2.71 5.48 -1.24
N ALA B 5 1.99 6.58 -1.43
CA ALA B 5 2.55 7.76 -2.05
C ALA B 5 2.27 8.95 -1.14
N THR B 6 2.83 10.09 -1.50
CA THR B 6 2.60 11.32 -0.77
C THR B 6 1.43 12.09 -1.37
N PPN B 7 0.73 12.81 -0.52
CA PPN B 7 -0.16 13.88 -0.88
C PPN B 7 -0.14 14.72 0.36
O PPN B 7 0.34 14.17 1.38
CB PPN B 7 -1.56 13.41 -1.08
CG PPN B 7 -2.08 13.24 0.30
CD1 PPN B 7 -2.82 14.23 0.92
CD2 PPN B 7 -1.80 12.07 0.98
CE1 PPN B 7 -3.28 14.04 2.22
CE2 PPN B 7 -2.25 11.88 2.27
CZ PPN B 7 -2.99 12.86 2.89
N1 PPN B 7 -3.45 12.62 4.23
O1 PPN B 7 -2.96 11.70 4.87
O2 PPN B 7 -4.40 13.33 4.77
N GLY B 8 -0.60 15.97 0.37
CA GLY B 8 -1.12 16.63 -0.82
C GLY B 8 -1.50 18.07 -0.55
MG MG C . 0.95 -1.56 0.61
MG MG D . 20.76 -2.93 -6.37
#